data_8V5W
# 
_entry.id   8V5W 
# 
_audit_conform.dict_name       mmcif_pdbx.dic 
_audit_conform.dict_version    5.388 
_audit_conform.dict_location   http://mmcif.pdb.org/dictionaries/ascii/mmcif_pdbx.dic 
# 
loop_
_database_2.database_id 
_database_2.database_code 
_database_2.pdbx_database_accession 
_database_2.pdbx_DOI 
PDB   8V5W         pdb_00008v5w 10.2210/pdb8v5w/pdb 
WWPDB D_1000279561 ?            ?                   
# 
loop_
_pdbx_audit_revision_history.ordinal 
_pdbx_audit_revision_history.data_content_type 
_pdbx_audit_revision_history.major_revision 
_pdbx_audit_revision_history.minor_revision 
_pdbx_audit_revision_history.revision_date 
1 'Structure model' 1 0 2024-03-06 
2 'Structure model' 1 1 2024-03-20 
# 
_pdbx_audit_revision_details.ordinal             1 
_pdbx_audit_revision_details.revision_ordinal    1 
_pdbx_audit_revision_details.data_content_type   'Structure model' 
_pdbx_audit_revision_details.provider            repository 
_pdbx_audit_revision_details.type                'Initial release' 
_pdbx_audit_revision_details.description         ? 
_pdbx_audit_revision_details.details             ? 
# 
_pdbx_audit_revision_group.ordinal             1 
_pdbx_audit_revision_group.revision_ordinal    2 
_pdbx_audit_revision_group.data_content_type   'Structure model' 
_pdbx_audit_revision_group.group               'Database references' 
# 
_pdbx_audit_revision_category.ordinal             1 
_pdbx_audit_revision_category.revision_ordinal    2 
_pdbx_audit_revision_category.data_content_type   'Structure model' 
_pdbx_audit_revision_category.category            citation 
# 
loop_
_pdbx_audit_revision_item.ordinal 
_pdbx_audit_revision_item.revision_ordinal 
_pdbx_audit_revision_item.data_content_type 
_pdbx_audit_revision_item.item 
1 2 'Structure model' '_citation.journal_volume' 
2 2 'Structure model' '_citation.page_first'     
3 2 'Structure model' '_citation.page_last'      
# 
_pdbx_database_status.status_code                     REL 
_pdbx_database_status.status_code_sf                  REL 
_pdbx_database_status.status_code_mr                  ? 
_pdbx_database_status.entry_id                        8V5W 
_pdbx_database_status.recvd_initial_deposition_date   2023-12-01 
_pdbx_database_status.SG_entry                        N 
_pdbx_database_status.deposit_site                    RCSB 
_pdbx_database_status.process_site                    RCSB 
_pdbx_database_status.status_code_cs                  ? 
_pdbx_database_status.status_code_nmr_data            ? 
_pdbx_database_status.methods_development_category    ? 
_pdbx_database_status.pdb_format_compatible           Y 
# 
_pdbx_contact_author.id                 2 
_pdbx_contact_author.email              andyn@uic.edu 
_pdbx_contact_author.name_first         Andy 
_pdbx_contact_author.name_last          Nguyen 
_pdbx_contact_author.name_mi            I 
_pdbx_contact_author.role               'principal investigator/group leader' 
_pdbx_contact_author.identifier_ORCID   0000-0003-4137-6453 
# 
_audit_author.name               'Heinz-Kunert, S.L.' 
_audit_author.pdbx_ordinal       1 
_audit_author.identifier_ORCID   0009-0002-5884-1294 
# 
_citation.abstract                  ? 
_citation.abstract_id_CAS           ? 
_citation.book_id_ISBN              ? 
_citation.book_publisher            ? 
_citation.book_publisher_city       ? 
_citation.book_title                ? 
_citation.coordinate_linkage        ? 
_citation.country                   US 
_citation.database_id_Medline       ? 
_citation.details                   ? 
_citation.id                        primary 
_citation.journal_abbrev            Biomacromolecules 
_citation.journal_id_ASTM           ? 
_citation.journal_id_CSD            ? 
_citation.journal_id_ISSN           1526-4602 
_citation.journal_full              ? 
_citation.journal_issue             ? 
_citation.journal_volume            25 
_citation.language                  ? 
_citation.page_first                2016 
_citation.page_last                 2023 
_citation.title                     'Pore Restructuring of Peptide Frameworks by Mutations at Distal Packing Residues.' 
_citation.year                      2024 
_citation.database_id_CSD           ? 
_citation.pdbx_database_id_DOI      10.1021/acs.biomac.3c01418 
_citation.pdbx_database_id_PubMed   38362872 
_citation.pdbx_database_id_patent   ? 
_citation.unpublished_flag          ? 
# 
loop_
_citation_author.citation_id 
_citation_author.name 
_citation_author.ordinal 
_citation_author.identifier_ORCID 
primary 'Heinz-Kunert, S.L.' 1 ?                   
primary 'Pandya, A.'         2 0000-0003-3303-1009 
primary 'Dang, V.T.'         3 ?                   
primary 'Oktawiec, J.'       4 0000-0002-2895-3327 
primary 'Nguyen, A.I.'       5 0000-0003-4137-6453 
# 
loop_
_entity.id 
_entity.type 
_entity.src_method 
_entity.pdbx_description 
_entity.formula_weight 
_entity.pdbx_number_of_molecules 
_entity.pdbx_ec 
_entity.pdbx_mutation 
_entity.pdbx_fragment 
_entity.details 
1 polymer syn UIC-1-B5T 1390.588 2  ? ? ? ? 
2 water   nat water     18.015   11 ? ? ? ? 
# 
_entity_poly.entity_id                      1 
_entity_poly.type                           'polypeptide(L)' 
_entity_poly.nstd_linkage                   no 
_entity_poly.nstd_monomer                   yes 
_entity_poly.pdbx_seq_one_letter_code       '(I6W)L(AIB)ATL(AIB)Q(AIB)L(I77)' 
_entity_poly.pdbx_seq_one_letter_code_can   XLAATLAQALX 
_entity_poly.pdbx_strand_id                 A,B 
_entity_poly.pdbx_target_identifier         ? 
# 
_pdbx_entity_nonpoly.entity_id   2 
_pdbx_entity_nonpoly.name        water 
_pdbx_entity_nonpoly.comp_id     HOH 
# 
loop_
_entity_poly_seq.entity_id 
_entity_poly_seq.num 
_entity_poly_seq.mon_id 
_entity_poly_seq.hetero 
1 1  I6W n 
1 2  LEU n 
1 3  AIB n 
1 4  ALA n 
1 5  THR n 
1 6  LEU n 
1 7  AIB n 
1 8  GLN n 
1 9  AIB n 
1 10 LEU n 
1 11 I77 n 
# 
_pdbx_entity_src_syn.entity_id              1 
_pdbx_entity_src_syn.pdbx_src_id            1 
_pdbx_entity_src_syn.pdbx_alt_source_flag   sample 
_pdbx_entity_src_syn.pdbx_beg_seq_num       1 
_pdbx_entity_src_syn.pdbx_end_seq_num       11 
_pdbx_entity_src_syn.organism_scientific    'synthetic construct' 
_pdbx_entity_src_syn.organism_common_name   ? 
_pdbx_entity_src_syn.ncbi_taxonomy_id       32630 
_pdbx_entity_src_syn.details                ? 
# 
loop_
_chem_comp.id 
_chem_comp.type 
_chem_comp.mon_nstd_flag 
_chem_comp.name 
_chem_comp.pdbx_synonyms 
_chem_comp.formula 
_chem_comp.formula_weight 
AIB 'L-peptide linking' n 'ALPHA-AMINOISOBUTYRIC ACID'                            ? 'C4 H9 N O2'    103.120 
ALA 'L-peptide linking' y ALANINE                                                 ? 'C3 H7 N O2'    89.093  
GLN 'L-peptide linking' y GLUTAMINE                                               ? 'C5 H10 N2 O3'  146.144 
HOH non-polymer         . WATER                                                   ? 'H2 O'          18.015  
I6W non-polymer         . 
;ethyl 5'-formyl[2,2'-bipyridine]-5-carboxylate
;
? 'C14 H12 N2 O3' 256.257 
I77 non-polymer         . "5'-(hydrazinecarbonyl)[2,2'-bipyridine]-5-carboxamide" ? 'C12 H11 N5 O2' 257.248 
LEU 'L-peptide linking' y LEUCINE                                                 ? 'C6 H13 N O2'   131.173 
THR 'L-peptide linking' y THREONINE                                               ? 'C4 H9 N O3'    119.119 
# 
loop_
_pdbx_poly_seq_scheme.asym_id 
_pdbx_poly_seq_scheme.entity_id 
_pdbx_poly_seq_scheme.seq_id 
_pdbx_poly_seq_scheme.mon_id 
_pdbx_poly_seq_scheme.ndb_seq_num 
_pdbx_poly_seq_scheme.pdb_seq_num 
_pdbx_poly_seq_scheme.auth_seq_num 
_pdbx_poly_seq_scheme.pdb_mon_id 
_pdbx_poly_seq_scheme.auth_mon_id 
_pdbx_poly_seq_scheme.pdb_strand_id 
_pdbx_poly_seq_scheme.pdb_ins_code 
_pdbx_poly_seq_scheme.hetero 
A 1 1  I6W 1  1  1  I6W BPE A . n 
A 1 2  LEU 2  2  2  LEU LEU A . n 
A 1 3  AIB 3  3  3  AIB AIB A . n 
A 1 4  ALA 4  4  4  ALA ALA A . n 
A 1 5  THR 5  5  5  THR THR A . n 
A 1 6  LEU 6  6  6  LEU LEU A . n 
A 1 7  AIB 7  7  7  AIB AIB A . n 
A 1 8  GLN 8  8  8  GLN GLN A . n 
A 1 9  AIB 9  9  9  AIB AIB A . n 
A 1 10 LEU 10 10 10 LEU LEU A . n 
A 1 11 I77 11 11 11 I77 BPH A . n 
B 1 1  I6W 1  1  1  I6W BPE B . n 
B 1 2  LEU 2  2  2  LEU LEU B . n 
B 1 3  AIB 3  3  3  AIB AIB B . n 
B 1 4  ALA 4  4  4  ALA ALA B . n 
B 1 5  THR 5  5  5  THR THR B . n 
B 1 6  LEU 6  6  6  LEU LEU B . n 
B 1 7  AIB 7  7  7  AIB AIB B . n 
B 1 8  GLN 8  8  8  GLN GLN B . n 
B 1 9  AIB 9  9  9  AIB AIB B . n 
B 1 10 LEU 10 10 10 LEU LEU B . n 
B 1 11 I77 11 11 11 I77 BPH B . n 
# 
loop_
_pdbx_nonpoly_scheme.asym_id 
_pdbx_nonpoly_scheme.entity_id 
_pdbx_nonpoly_scheme.mon_id 
_pdbx_nonpoly_scheme.ndb_seq_num 
_pdbx_nonpoly_scheme.pdb_seq_num 
_pdbx_nonpoly_scheme.auth_seq_num 
_pdbx_nonpoly_scheme.pdb_mon_id 
_pdbx_nonpoly_scheme.auth_mon_id 
_pdbx_nonpoly_scheme.pdb_strand_id 
_pdbx_nonpoly_scheme.pdb_ins_code 
C 2 HOH 1 101 2  HOH HOH A . 
C 2 HOH 2 102 3  HOH HOH A . 
C 2 HOH 3 103 11 HOH HOH A . 
C 2 HOH 4 104 5  HOH HOH A . 
C 2 HOH 5 105 9  HOH HOH A . 
C 2 HOH 6 106 4  HOH HOH A . 
C 2 HOH 7 107 7  HOH HOH A . 
C 2 HOH 8 108 8  HOH HOH A . 
C 2 HOH 9 109 10 HOH HOH A . 
D 2 HOH 1 101 6  HOH HOH B . 
D 2 HOH 2 102 1  HOH HOH B . 
# 
loop_
_software.citation_id 
_software.classification 
_software.compiler_name 
_software.compiler_version 
_software.contact_author 
_software.contact_author_email 
_software.date 
_software.description 
_software.dependencies 
_software.hardware 
_software.language 
_software.location 
_software.mods 
_software.name 
_software.os 
_software.os_version 
_software.type 
_software.version 
_software.pdbx_ordinal 
? refinement       ? ? ? ? ? ? ? ? ? ? ? PHENIX ? ? ? 1.20.1_4487 1 
? 'data reduction' ? ? ? ? ? ? ? ? ? ? ? XDS    ? ? ? .           2 
? 'data scaling'   ? ? ? ? ? ? ? ? ? ? ? XDS    ? ? ? .           3 
? phasing          ? ? ? ? ? ? ? ? ? ? ? PHASER ? ? ? .           4 
# 
_cell.angle_alpha                  90.000 
_cell.angle_alpha_esd              ? 
_cell.angle_beta                   99.180 
_cell.angle_beta_esd               ? 
_cell.angle_gamma                  90.000 
_cell.angle_gamma_esd              ? 
_cell.entry_id                     8V5W 
_cell.details                      ? 
_cell.formula_units_Z              ? 
_cell.length_a                     53.956 
_cell.length_a_esd                 ? 
_cell.length_b                     10.164 
_cell.length_b_esd                 ? 
_cell.length_c                     32.761 
_cell.length_c_esd                 ? 
_cell.volume                       17736.307 
_cell.volume_esd                   ? 
_cell.Z_PDB                        8 
_cell.reciprocal_angle_alpha       ? 
_cell.reciprocal_angle_beta        ? 
_cell.reciprocal_angle_gamma       ? 
_cell.reciprocal_angle_alpha_esd   ? 
_cell.reciprocal_angle_beta_esd    ? 
_cell.reciprocal_angle_gamma_esd   ? 
_cell.reciprocal_length_a          ? 
_cell.reciprocal_length_b          ? 
_cell.reciprocal_length_c          ? 
_cell.reciprocal_length_a_esd      ? 
_cell.reciprocal_length_b_esd      ? 
_cell.reciprocal_length_c_esd      ? 
_cell.pdbx_unique_axis             ? 
_cell.pdbx_esd_method              ? 
# 
_symmetry.entry_id                         8V5W 
_symmetry.cell_setting                     ? 
_symmetry.Int_Tables_number                5 
_symmetry.space_group_name_Hall            'C 2y' 
_symmetry.space_group_name_H-M             'C 1 2 1' 
_symmetry.pdbx_full_space_group_name_H-M   ? 
# 
_exptl.absorpt_coefficient_mu     ? 
_exptl.absorpt_correction_T_max   ? 
_exptl.absorpt_correction_T_min   ? 
_exptl.absorpt_correction_type    ? 
_exptl.absorpt_process_details    ? 
_exptl.entry_id                   8V5W 
_exptl.crystals_number            1 
_exptl.details                    ? 
_exptl.method                     'X-RAY DIFFRACTION' 
_exptl.method_details             ? 
# 
_exptl_crystal.colour                       ? 
_exptl_crystal.density_diffrn               ? 
_exptl_crystal.density_Matthews             1.59 
_exptl_crystal.density_method               ? 
_exptl_crystal.density_percent_sol          22.85 
_exptl_crystal.description                  ? 
_exptl_crystal.F_000                        ? 
_exptl_crystal.id                           1 
_exptl_crystal.preparation                  ? 
_exptl_crystal.size_max                     ? 
_exptl_crystal.size_mid                     ? 
_exptl_crystal.size_min                     ? 
_exptl_crystal.size_rad                     ? 
_exptl_crystal.colour_lustre                ? 
_exptl_crystal.colour_modifier              ? 
_exptl_crystal.colour_primary               ? 
_exptl_crystal.density_meas                 ? 
_exptl_crystal.density_meas_esd             ? 
_exptl_crystal.density_meas_gt              ? 
_exptl_crystal.density_meas_lt              ? 
_exptl_crystal.density_meas_temp            ? 
_exptl_crystal.density_meas_temp_esd        ? 
_exptl_crystal.density_meas_temp_gt         ? 
_exptl_crystal.density_meas_temp_lt         ? 
_exptl_crystal.pdbx_crystal_image_url       ? 
_exptl_crystal.pdbx_crystal_image_format    ? 
_exptl_crystal.pdbx_mosaicity               ? 
_exptl_crystal.pdbx_mosaicity_esd           ? 
_exptl_crystal.pdbx_mosaic_method           ? 
_exptl_crystal.pdbx_mosaic_block_size       ? 
_exptl_crystal.pdbx_mosaic_block_size_esd   ? 
# 
_exptl_crystal_grow.apparatus       ? 
_exptl_crystal_grow.atmosphere      ? 
_exptl_crystal_grow.crystal_id      1 
_exptl_crystal_grow.details         ? 
_exptl_crystal_grow.method          'SLOW COOLING' 
_exptl_crystal_grow.method_ref      ? 
_exptl_crystal_grow.pH              ? 
_exptl_crystal_grow.pressure        ? 
_exptl_crystal_grow.pressure_esd    ? 
_exptl_crystal_grow.seeding         ? 
_exptl_crystal_grow.seeding_ref     ? 
_exptl_crystal_grow.temp_details    ? 
_exptl_crystal_grow.temp_esd        ? 
_exptl_crystal_grow.time            ? 
_exptl_crystal_grow.pdbx_details    methanol 
_exptl_crystal_grow.pdbx_pH_range   ? 
_exptl_crystal_grow.temp            298 
# 
_diffrn.ambient_environment              ? 
_diffrn.ambient_temp                     100 
_diffrn.ambient_temp_details             ? 
_diffrn.ambient_temp_esd                 ? 
_diffrn.crystal_id                       1 
_diffrn.crystal_support                  ? 
_diffrn.crystal_treatment                ? 
_diffrn.details                          ? 
_diffrn.id                               1 
_diffrn.ambient_pressure                 ? 
_diffrn.ambient_pressure_esd             ? 
_diffrn.ambient_pressure_gt              ? 
_diffrn.ambient_pressure_lt              ? 
_diffrn.ambient_temp_gt                  ? 
_diffrn.ambient_temp_lt                  ? 
_diffrn.pdbx_serial_crystal_experiment   N 
# 
_diffrn_detector.details                      ? 
_diffrn_detector.detector                     PIXEL 
_diffrn_detector.diffrn_id                    1 
_diffrn_detector.type                         'DECTRIS EIGER X 9M' 
_diffrn_detector.area_resol_mean              ? 
_diffrn_detector.dtime                        ? 
_diffrn_detector.pdbx_frames_total            ? 
_diffrn_detector.pdbx_collection_time_total   ? 
_diffrn_detector.pdbx_collection_date         2022-10-29 
_diffrn_detector.pdbx_frequency               ? 
_diffrn_detector.id                           ? 
_diffrn_detector.number_of_axes               ? 
# 
_diffrn_radiation.collimation                      ? 
_diffrn_radiation.diffrn_id                        1 
_diffrn_radiation.filter_edge                      ? 
_diffrn_radiation.inhomogeneity                    ? 
_diffrn_radiation.monochromator                    ? 
_diffrn_radiation.polarisn_norm                    ? 
_diffrn_radiation.polarisn_ratio                   ? 
_diffrn_radiation.probe                            ? 
_diffrn_radiation.type                             ? 
_diffrn_radiation.xray_symbol                      ? 
_diffrn_radiation.wavelength_id                    1 
_diffrn_radiation.pdbx_monochromatic_or_laue_m_l   M 
_diffrn_radiation.pdbx_wavelength_list             ? 
_diffrn_radiation.pdbx_wavelength                  ? 
_diffrn_radiation.pdbx_diffrn_protocol             'SINGLE WAVELENGTH' 
_diffrn_radiation.pdbx_analyzer                    ? 
_diffrn_radiation.pdbx_scattering_type             x-ray 
# 
_diffrn_radiation_wavelength.id           1 
_diffrn_radiation_wavelength.wavelength   0.61992 
_diffrn_radiation_wavelength.wt           1.0 
# 
_diffrn_source.current                     ? 
_diffrn_source.details                     ? 
_diffrn_source.diffrn_id                   1 
_diffrn_source.power                       ? 
_diffrn_source.size                        ? 
_diffrn_source.source                      SYNCHROTRON 
_diffrn_source.target                      ? 
_diffrn_source.type                        'APS BEAMLINE 21-ID-D' 
_diffrn_source.voltage                     ? 
_diffrn_source.take-off_angle              ? 
_diffrn_source.pdbx_wavelength_list        0.61992 
_diffrn_source.pdbx_wavelength             ? 
_diffrn_source.pdbx_synchrotron_beamline   21-ID-D 
_diffrn_source.pdbx_synchrotron_site       APS 
# 
_reflns.B_iso_Wilson_estimate                          48.84 
_reflns.entry_id                                       8V5W 
_reflns.data_reduction_details                         ? 
_reflns.data_reduction_method                          ? 
_reflns.d_resolution_high                              1.07 
_reflns.d_resolution_low                               22.39 
_reflns.details                                        ? 
_reflns.limit_h_max                                    ? 
_reflns.limit_h_min                                    ? 
_reflns.limit_k_max                                    ? 
_reflns.limit_k_min                                    ? 
_reflns.limit_l_max                                    ? 
_reflns.limit_l_min                                    ? 
_reflns.number_all                                     ? 
_reflns.number_obs                                     7816 
_reflns.observed_criterion                             ? 
_reflns.observed_criterion_F_max                       ? 
_reflns.observed_criterion_F_min                       ? 
_reflns.observed_criterion_I_max                       ? 
_reflns.observed_criterion_I_min                       ? 
_reflns.observed_criterion_sigma_F                     ? 
_reflns.observed_criterion_sigma_I                     ? 
_reflns.percent_possible_obs                           95.36 
_reflns.R_free_details                                 ? 
_reflns.Rmerge_F_all                                   ? 
_reflns.Rmerge_F_obs                                   ? 
_reflns.Friedel_coverage                               ? 
_reflns.number_gt                                      ? 
_reflns.threshold_expression                           ? 
_reflns.pdbx_redundancy                                5.9 
_reflns.pdbx_netI_over_av_sigmaI                       ? 
_reflns.pdbx_netI_over_sigmaI                          5.23 
_reflns.pdbx_res_netI_over_av_sigmaI_2                 ? 
_reflns.pdbx_res_netI_over_sigmaI_2                    ? 
_reflns.pdbx_chi_squared                               ? 
_reflns.pdbx_scaling_rejects                           ? 
_reflns.pdbx_d_res_high_opt                            ? 
_reflns.pdbx_d_res_low_opt                             ? 
_reflns.pdbx_d_res_opt_method                          ? 
_reflns.phase_calculation_details                      ? 
_reflns.pdbx_Rrim_I_all                                0.3103 
_reflns.pdbx_Rpim_I_all                                0.1263 
_reflns.pdbx_d_opt                                     ? 
_reflns.pdbx_number_measured_all                       ? 
_reflns.pdbx_diffrn_id                                 1 
_reflns.pdbx_ordinal                                   1 
_reflns.pdbx_CC_half                                   0.925 
_reflns.pdbx_CC_star                                   0.98 
_reflns.pdbx_R_split                                   ? 
_reflns.pdbx_Rmerge_I_obs                              ? 
_reflns.pdbx_Rmerge_I_all                              ? 
_reflns.pdbx_Rsym_value                                ? 
_reflns.pdbx_CC_split_method                           ? 
_reflns.pdbx_aniso_diffraction_limit_axis_1_ortho[1]   ? 
_reflns.pdbx_aniso_diffraction_limit_axis_1_ortho[2]   ? 
_reflns.pdbx_aniso_diffraction_limit_axis_1_ortho[3]   ? 
_reflns.pdbx_aniso_diffraction_limit_axis_2_ortho[1]   ? 
_reflns.pdbx_aniso_diffraction_limit_axis_2_ortho[2]   ? 
_reflns.pdbx_aniso_diffraction_limit_axis_2_ortho[3]   ? 
_reflns.pdbx_aniso_diffraction_limit_axis_3_ortho[1]   ? 
_reflns.pdbx_aniso_diffraction_limit_axis_3_ortho[2]   ? 
_reflns.pdbx_aniso_diffraction_limit_axis_3_ortho[3]   ? 
_reflns.pdbx_aniso_diffraction_limit_1                 ? 
_reflns.pdbx_aniso_diffraction_limit_2                 ? 
_reflns.pdbx_aniso_diffraction_limit_3                 ? 
_reflns.pdbx_aniso_B_tensor_eigenvector_1_ortho[1]     ? 
_reflns.pdbx_aniso_B_tensor_eigenvector_1_ortho[2]     ? 
_reflns.pdbx_aniso_B_tensor_eigenvector_1_ortho[3]     ? 
_reflns.pdbx_aniso_B_tensor_eigenvector_2_ortho[1]     ? 
_reflns.pdbx_aniso_B_tensor_eigenvector_2_ortho[2]     ? 
_reflns.pdbx_aniso_B_tensor_eigenvector_2_ortho[3]     ? 
_reflns.pdbx_aniso_B_tensor_eigenvector_3_ortho[1]     ? 
_reflns.pdbx_aniso_B_tensor_eigenvector_3_ortho[2]     ? 
_reflns.pdbx_aniso_B_tensor_eigenvector_3_ortho[3]     ? 
_reflns.pdbx_aniso_B_tensor_eigenvalue_1               ? 
_reflns.pdbx_aniso_B_tensor_eigenvalue_2               ? 
_reflns.pdbx_aniso_B_tensor_eigenvalue_3               ? 
_reflns.pdbx_orthogonalization_convention              ? 
_reflns.pdbx_percent_possible_ellipsoidal              ? 
_reflns.pdbx_percent_possible_spherical                ? 
_reflns.pdbx_percent_possible_ellipsoidal_anomalous    ? 
_reflns.pdbx_percent_possible_spherical_anomalous      ? 
_reflns.pdbx_redundancy_anomalous                      ? 
_reflns.pdbx_CC_half_anomalous                         ? 
_reflns.pdbx_absDiff_over_sigma_anomalous              ? 
_reflns.pdbx_percent_possible_anomalous                ? 
_reflns.pdbx_observed_signal_threshold                 ? 
_reflns.pdbx_signal_type                               ? 
_reflns.pdbx_signal_details                            ? 
_reflns.pdbx_signal_software_id                        ? 
# 
_reflns_shell.d_res_high                                    1.07 
_reflns_shell.d_res_low                                     1.108 
_reflns_shell.meanI_over_sigI_all                           ? 
_reflns_shell.meanI_over_sigI_obs                           3.45 
_reflns_shell.number_measured_all                           ? 
_reflns_shell.number_measured_obs                           ? 
_reflns_shell.number_possible                               ? 
_reflns_shell.number_unique_all                             ? 
_reflns_shell.number_unique_obs                             7816 
_reflns_shell.percent_possible_obs                          ? 
_reflns_shell.Rmerge_F_all                                  ? 
_reflns_shell.Rmerge_F_obs                                  ? 
_reflns_shell.meanI_over_sigI_gt                            ? 
_reflns_shell.meanI_over_uI_all                             ? 
_reflns_shell.meanI_over_uI_gt                              ? 
_reflns_shell.number_measured_gt                            ? 
_reflns_shell.number_unique_gt                              ? 
_reflns_shell.percent_possible_gt                           ? 
_reflns_shell.Rmerge_F_gt                                   ? 
_reflns_shell.Rmerge_I_gt                                   ? 
_reflns_shell.pdbx_redundancy                               ? 
_reflns_shell.pdbx_chi_squared                              ? 
_reflns_shell.pdbx_netI_over_sigmaI_all                     ? 
_reflns_shell.pdbx_netI_over_sigmaI_obs                     ? 
_reflns_shell.pdbx_Rrim_I_all                               0.44 
_reflns_shell.pdbx_Rpim_I_all                               0.2094 
_reflns_shell.pdbx_rejects                                  ? 
_reflns_shell.pdbx_ordinal                                  1 
_reflns_shell.pdbx_diffrn_id                                1 
_reflns_shell.pdbx_CC_half                                  0.812 
_reflns_shell.pdbx_CC_star                                  ? 
_reflns_shell.pdbx_R_split                                  ? 
_reflns_shell.percent_possible_all                          ? 
_reflns_shell.Rmerge_I_all                                  ? 
_reflns_shell.Rmerge_I_obs                                  0.3845 
_reflns_shell.pdbx_Rsym_value                               ? 
_reflns_shell.pdbx_percent_possible_ellipsoidal             ? 
_reflns_shell.pdbx_percent_possible_spherical               ? 
_reflns_shell.pdbx_percent_possible_ellipsoidal_anomalous   ? 
_reflns_shell.pdbx_percent_possible_spherical_anomalous     ? 
_reflns_shell.pdbx_redundancy_anomalous                     ? 
_reflns_shell.pdbx_CC_half_anomalous                        ? 
_reflns_shell.pdbx_absDiff_over_sigma_anomalous             ? 
_reflns_shell.pdbx_percent_possible_anomalous               ? 
# 
_refine.aniso_B[1][1]                            ? 
_refine.aniso_B[1][2]                            ? 
_refine.aniso_B[1][3]                            ? 
_refine.aniso_B[2][2]                            ? 
_refine.aniso_B[2][3]                            ? 
_refine.aniso_B[3][3]                            ? 
_refine.B_iso_max                                ? 
_refine.B_iso_mean                               7.68 
_refine.B_iso_min                                ? 
_refine.correlation_coeff_Fo_to_Fc               ? 
_refine.correlation_coeff_Fo_to_Fc_free          ? 
_refine.details                                  ? 
_refine.diff_density_max                         ? 
_refine.diff_density_max_esd                     ? 
_refine.diff_density_min                         ? 
_refine.diff_density_min_esd                     ? 
_refine.diff_density_rms                         ? 
_refine.diff_density_rms_esd                     ? 
_refine.entry_id                                 8V5W 
_refine.pdbx_refine_id                           'X-RAY DIFFRACTION' 
_refine.ls_abs_structure_details                 ? 
_refine.ls_abs_structure_Flack                   ? 
_refine.ls_abs_structure_Flack_esd               ? 
_refine.ls_abs_structure_Rogers                  ? 
_refine.ls_abs_structure_Rogers_esd              ? 
_refine.ls_d_res_high                            1.07 
_refine.ls_d_res_low                             22.39 
_refine.ls_extinction_coef                       ? 
_refine.ls_extinction_coef_esd                   ? 
_refine.ls_extinction_expression                 ? 
_refine.ls_extinction_method                     ? 
_refine.ls_goodness_of_fit_all                   ? 
_refine.ls_goodness_of_fit_all_esd               ? 
_refine.ls_goodness_of_fit_obs                   ? 
_refine.ls_goodness_of_fit_obs_esd               ? 
_refine.ls_hydrogen_treatment                    ? 
_refine.ls_matrix_type                           ? 
_refine.ls_number_constraints                    ? 
_refine.ls_number_parameters                     ? 
_refine.ls_number_reflns_all                     ? 
_refine.ls_number_reflns_obs                     7816 
_refine.ls_number_reflns_R_free                  1425 
_refine.ls_number_reflns_R_work                  12851 
_refine.ls_number_restraints                     ? 
_refine.ls_percent_reflns_obs                    94.07 
_refine.ls_percent_reflns_R_free                 9.98 
_refine.ls_R_factor_all                          ? 
_refine.ls_R_factor_obs                          0.1605 
_refine.ls_R_factor_R_free                       0.1783 
_refine.ls_R_factor_R_free_error                 ? 
_refine.ls_R_factor_R_free_error_details         ? 
_refine.ls_R_factor_R_work                       0.1586 
_refine.ls_R_Fsqd_factor_obs                     ? 
_refine.ls_R_I_factor_obs                        ? 
_refine.ls_redundancy_reflns_all                 ? 
_refine.ls_redundancy_reflns_obs                 ? 
_refine.ls_restrained_S_all                      ? 
_refine.ls_restrained_S_obs                      ? 
_refine.ls_shift_over_esd_max                    ? 
_refine.ls_shift_over_esd_mean                   ? 
_refine.ls_structure_factor_coef                 ? 
_refine.ls_weighting_details                     ? 
_refine.ls_weighting_scheme                      ? 
_refine.ls_wR_factor_all                         ? 
_refine.ls_wR_factor_obs                         ? 
_refine.ls_wR_factor_R_free                      ? 
_refine.ls_wR_factor_R_work                      ? 
_refine.occupancy_max                            ? 
_refine.occupancy_min                            ? 
_refine.solvent_model_details                    'FLAT BULK SOLVENT MODEL' 
_refine.solvent_model_param_bsol                 ? 
_refine.solvent_model_param_ksol                 ? 
_refine.pdbx_R_complete                          ? 
_refine.ls_R_factor_gt                           ? 
_refine.ls_goodness_of_fit_gt                    ? 
_refine.ls_goodness_of_fit_ref                   ? 
_refine.ls_shift_over_su_max                     ? 
_refine.ls_shift_over_su_max_lt                  ? 
_refine.ls_shift_over_su_mean                    ? 
_refine.ls_shift_over_su_mean_lt                 ? 
_refine.pdbx_ls_sigma_I                          ? 
_refine.pdbx_ls_sigma_F                          1.38 
_refine.pdbx_ls_sigma_Fsqd                       ? 
_refine.pdbx_data_cutoff_high_absF               ? 
_refine.pdbx_data_cutoff_high_rms_absF           ? 
_refine.pdbx_data_cutoff_low_absF                ? 
_refine.pdbx_isotropic_thermal_model             ? 
_refine.pdbx_ls_cross_valid_method               'FREE R-VALUE' 
_refine.pdbx_method_to_determine_struct          'MOLECULAR REPLACEMENT' 
_refine.pdbx_starting_model                      ? 
_refine.pdbx_stereochemistry_target_values       'GeoStd + Monomer Library + CDL v1.2' 
_refine.pdbx_R_Free_selection_details            ? 
_refine.pdbx_stereochem_target_val_spec_case     ? 
_refine.pdbx_overall_ESU_R                       ? 
_refine.pdbx_overall_ESU_R_Free                  ? 
_refine.pdbx_solvent_vdw_probe_radii             1.1000 
_refine.pdbx_solvent_ion_probe_radii             ? 
_refine.pdbx_solvent_shrinkage_radii             0.9000 
_refine.pdbx_real_space_R                        ? 
_refine.pdbx_density_correlation                 ? 
_refine.pdbx_pd_number_of_powder_patterns        ? 
_refine.pdbx_pd_number_of_points                 ? 
_refine.pdbx_pd_meas_number_of_points            ? 
_refine.pdbx_pd_proc_ls_prof_R_factor            ? 
_refine.pdbx_pd_proc_ls_prof_wR_factor           ? 
_refine.pdbx_pd_Marquardt_correlation_coeff      ? 
_refine.pdbx_pd_Fsqrd_R_factor                   ? 
_refine.pdbx_pd_ls_matrix_band_width             ? 
_refine.pdbx_overall_phase_error                 19.5955 
_refine.pdbx_overall_SU_R_free_Cruickshank_DPI   ? 
_refine.pdbx_overall_SU_R_free_Blow_DPI          ? 
_refine.pdbx_overall_SU_R_Blow_DPI               ? 
_refine.pdbx_TLS_residual_ADP_flag               ? 
_refine.pdbx_diffrn_id                           1 
_refine.overall_SU_B                             ? 
_refine.overall_SU_ML                            0.0766 
_refine.overall_SU_R_Cruickshank_DPI             ? 
_refine.overall_SU_R_free                        ? 
_refine.overall_FOM_free_R_set                   ? 
_refine.overall_FOM_work_R_set                   ? 
_refine.pdbx_average_fsc_overall                 ? 
_refine.pdbx_average_fsc_work                    ? 
_refine.pdbx_average_fsc_free                    ? 
# 
_refine_hist.pdbx_refine_id                   'X-RAY DIFFRACTION' 
_refine_hist.cycle_id                         LAST 
_refine_hist.details                          ? 
_refine_hist.d_res_high                       1.07 
_refine_hist.d_res_low                        22.39 
_refine_hist.number_atoms_solvent             11 
_refine_hist.number_atoms_total               213 
_refine_hist.number_reflns_all                ? 
_refine_hist.number_reflns_obs                ? 
_refine_hist.number_reflns_R_free             ? 
_refine_hist.number_reflns_R_work             ? 
_refine_hist.R_factor_all                     ? 
_refine_hist.R_factor_obs                     ? 
_refine_hist.R_factor_R_free                  ? 
_refine_hist.R_factor_R_work                  ? 
_refine_hist.pdbx_number_residues_total       ? 
_refine_hist.pdbx_B_iso_mean_ligand           ? 
_refine_hist.pdbx_B_iso_mean_solvent          ? 
_refine_hist.pdbx_number_atoms_protein        164 
_refine_hist.pdbx_number_atoms_nucleic_acid   0 
_refine_hist.pdbx_number_atoms_ligand         38 
_refine_hist.pdbx_number_atoms_lipid          ? 
_refine_hist.pdbx_number_atoms_carb           ? 
_refine_hist.pdbx_pseudo_atom_details         ? 
# 
loop_
_refine_ls_restr.pdbx_refine_id 
_refine_ls_restr.criterion 
_refine_ls_restr.dev_ideal 
_refine_ls_restr.dev_ideal_target 
_refine_ls_restr.number 
_refine_ls_restr.rejects 
_refine_ls_restr.type 
_refine_ls_restr.weight 
_refine_ls_restr.pdbx_restraint_function 
'X-RAY DIFFRACTION' ? 0.0092  ? 222 ? f_bond_d           ? ? 
'X-RAY DIFFRACTION' ? 1.7552  ? 310 ? f_angle_d          ? ? 
'X-RAY DIFFRACTION' ? 0.0462  ? 23  ? f_chiral_restr     ? ? 
'X-RAY DIFFRACTION' ? 0.0112  ? 36  ? f_plane_restr      ? ? 
'X-RAY DIFFRACTION' ? 39.4065 ? 39  ? f_dihedral_angle_d ? ? 
# 
loop_
_refine_ls_shell.pdbx_refine_id 
_refine_ls_shell.d_res_high 
_refine_ls_shell.d_res_low 
_refine_ls_shell.number_reflns_all 
_refine_ls_shell.number_reflns_obs 
_refine_ls_shell.number_reflns_R_free 
_refine_ls_shell.number_reflns_R_work 
_refine_ls_shell.percent_reflns_obs 
_refine_ls_shell.percent_reflns_R_free 
_refine_ls_shell.R_factor_all 
_refine_ls_shell.R_factor_obs 
_refine_ls_shell.R_factor_R_free_error 
_refine_ls_shell.R_factor_R_work 
_refine_ls_shell.redundancy_reflns_all 
_refine_ls_shell.redundancy_reflns_obs 
_refine_ls_shell.wR_factor_all 
_refine_ls_shell.wR_factor_obs 
_refine_ls_shell.wR_factor_R_free 
_refine_ls_shell.wR_factor_R_work 
_refine_ls_shell.pdbx_R_complete 
_refine_ls_shell.pdbx_total_number_of_bins_used 
_refine_ls_shell.pdbx_phase_error 
_refine_ls_shell.pdbx_fsc_work 
_refine_ls_shell.pdbx_fsc_free 
_refine_ls_shell.R_factor_R_free 
'X-RAY DIFFRACTION' 1.07 1.11  . . 117 1026 75.25 . . . . 0.1935 . . . . . . . . . . . 0.2120 
'X-RAY DIFFRACTION' 1.11 1.15  . . 137 1231 89.59 . . . . 0.1813 . . . . . . . . . . . 0.1993 
'X-RAY DIFFRACTION' 1.15 1.21  . . 149 1317 98.26 . . . . 0.1626 . . . . . . . . . . . 0.1920 
'X-RAY DIFFRACTION' 1.21 1.27  . . 150 1396 98.53 . . . . 0.1565 . . . . . . . . . . . 0.1674 
'X-RAY DIFFRACTION' 1.27 1.35  . . 144 1296 97.63 . . . . 0.1494 . . . . . . . . . . . 0.1775 
'X-RAY DIFFRACTION' 1.35 1.45  . . 147 1335 95.55 . . . . 0.1653 . . . . . . . . . . . 0.1762 
'X-RAY DIFFRACTION' 1.45 1.60  . . 142 1238 93.69 . . . . .      . . . . . . . . . . . 0.1462 
'X-RAY DIFFRACTION' 1.60 1.83  . . 149 1347 97.65 . . . . .      . . . . . . . . . . . 0.1554 
'X-RAY DIFFRACTION' 1.83 2.30  . . 150 1346 98.62 . . . . 0.1529 . . . . . . . . . . . 0.1852 
'X-RAY DIFFRACTION' 2.31 22.39 . . 140 1319 96.43 . . . . 0.1536 . . . . . . . . . . . 0.1873 
# 
_struct.entry_id                     8V5W 
_struct.title                        'UIC-1 mutant UIC-1-B5T' 
_struct.pdbx_model_details           ? 
_struct.pdbx_formula_weight          ? 
_struct.pdbx_formula_weight_method   ? 
_struct.pdbx_model_type_details      ? 
_struct.pdbx_CASP_flag               N 
# 
_struct_keywords.entry_id        8V5W 
_struct_keywords.text            'synthetic construct, DE NOVO PROTEIN' 
_struct_keywords.pdbx_keywords   'DE NOVO PROTEIN' 
# 
loop_
_struct_asym.id 
_struct_asym.pdbx_blank_PDB_chainid_flag 
_struct_asym.pdbx_modified 
_struct_asym.entity_id 
_struct_asym.details 
A N N 1 ? 
B N N 1 ? 
C N N 2 ? 
D N N 2 ? 
# 
_struct_ref.id                         1 
_struct_ref.db_name                    PDB 
_struct_ref.db_code                    8V5W 
_struct_ref.pdbx_db_accession          8V5W 
_struct_ref.pdbx_db_isoform            ? 
_struct_ref.entity_id                  1 
_struct_ref.pdbx_seq_one_letter_code   ? 
_struct_ref.pdbx_align_begin           1 
# 
loop_
_struct_ref_seq.align_id 
_struct_ref_seq.ref_id 
_struct_ref_seq.pdbx_PDB_id_code 
_struct_ref_seq.pdbx_strand_id 
_struct_ref_seq.seq_align_beg 
_struct_ref_seq.pdbx_seq_align_beg_ins_code 
_struct_ref_seq.seq_align_end 
_struct_ref_seq.pdbx_seq_align_end_ins_code 
_struct_ref_seq.pdbx_db_accession 
_struct_ref_seq.db_align_beg 
_struct_ref_seq.pdbx_db_align_beg_ins_code 
_struct_ref_seq.db_align_end 
_struct_ref_seq.pdbx_db_align_end_ins_code 
_struct_ref_seq.pdbx_auth_seq_align_beg 
_struct_ref_seq.pdbx_auth_seq_align_end 
1 1 8V5W A 1 ? 11 ? 8V5W 1 ? 11 ? 1 11 
2 1 8V5W B 1 ? 11 ? 8V5W 1 ? 11 ? 1 11 
# 
loop_
_pdbx_struct_assembly.id 
_pdbx_struct_assembly.details 
_pdbx_struct_assembly.method_details 
_pdbx_struct_assembly.oligomeric_details 
_pdbx_struct_assembly.oligomeric_count 
1 author_defined_assembly ? monomeric 1 
2 author_defined_assembly ? monomeric 1 
# 
loop_
_pdbx_struct_assembly_gen.assembly_id 
_pdbx_struct_assembly_gen.oper_expression 
_pdbx_struct_assembly_gen.asym_id_list 
1 1 A,C 
2 1 B,D 
# 
_pdbx_struct_oper_list.id                   1 
_pdbx_struct_oper_list.type                 'identity operation' 
_pdbx_struct_oper_list.name                 1_555 
_pdbx_struct_oper_list.symmetry_operation   x,y,z 
_pdbx_struct_oper_list.matrix[1][1]         1.0000000000 
_pdbx_struct_oper_list.matrix[1][2]         0.0000000000 
_pdbx_struct_oper_list.matrix[1][3]         0.0000000000 
_pdbx_struct_oper_list.vector[1]            0.0000000000 
_pdbx_struct_oper_list.matrix[2][1]         0.0000000000 
_pdbx_struct_oper_list.matrix[2][2]         1.0000000000 
_pdbx_struct_oper_list.matrix[2][3]         0.0000000000 
_pdbx_struct_oper_list.vector[2]            0.0000000000 
_pdbx_struct_oper_list.matrix[3][1]         0.0000000000 
_pdbx_struct_oper_list.matrix[3][2]         0.0000000000 
_pdbx_struct_oper_list.matrix[3][3]         1.0000000000 
_pdbx_struct_oper_list.vector[3]            0.0000000000 
# 
loop_
_struct_conf.conf_type_id 
_struct_conf.id 
_struct_conf.pdbx_PDB_helix_id 
_struct_conf.beg_label_comp_id 
_struct_conf.beg_label_asym_id 
_struct_conf.beg_label_seq_id 
_struct_conf.pdbx_beg_PDB_ins_code 
_struct_conf.end_label_comp_id 
_struct_conf.end_label_asym_id 
_struct_conf.end_label_seq_id 
_struct_conf.pdbx_end_PDB_ins_code 
_struct_conf.beg_auth_comp_id 
_struct_conf.beg_auth_asym_id 
_struct_conf.beg_auth_seq_id 
_struct_conf.end_auth_comp_id 
_struct_conf.end_auth_asym_id 
_struct_conf.end_auth_seq_id 
_struct_conf.pdbx_PDB_helix_class 
_struct_conf.details 
_struct_conf.pdbx_PDB_helix_length 
HELX_P HELX_P1 AA1 LEU A 2 ? GLN A 8 ? LEU A 2 GLN A 8 1 ? 7 
HELX_P HELX_P2 AA2 AIB B 3 ? GLN B 8 ? AIB B 3 GLN B 8 1 ? 6 
# 
_struct_conf_type.id          HELX_P 
_struct_conf_type.criteria    ? 
_struct_conf_type.reference   ? 
# 
loop_
_struct_conn.id 
_struct_conn.conn_type_id 
_struct_conn.pdbx_leaving_atom_flag 
_struct_conn.pdbx_PDB_id 
_struct_conn.ptnr1_label_asym_id 
_struct_conn.ptnr1_label_comp_id 
_struct_conn.ptnr1_label_seq_id 
_struct_conn.ptnr1_label_atom_id 
_struct_conn.pdbx_ptnr1_label_alt_id 
_struct_conn.pdbx_ptnr1_PDB_ins_code 
_struct_conn.pdbx_ptnr1_standard_comp_id 
_struct_conn.ptnr1_symmetry 
_struct_conn.ptnr2_label_asym_id 
_struct_conn.ptnr2_label_comp_id 
_struct_conn.ptnr2_label_seq_id 
_struct_conn.ptnr2_label_atom_id 
_struct_conn.pdbx_ptnr2_label_alt_id 
_struct_conn.pdbx_ptnr2_PDB_ins_code 
_struct_conn.ptnr1_auth_asym_id 
_struct_conn.ptnr1_auth_comp_id 
_struct_conn.ptnr1_auth_seq_id 
_struct_conn.ptnr2_auth_asym_id 
_struct_conn.ptnr2_auth_comp_id 
_struct_conn.ptnr2_auth_seq_id 
_struct_conn.ptnr2_symmetry 
_struct_conn.pdbx_ptnr3_label_atom_id 
_struct_conn.pdbx_ptnr3_label_seq_id 
_struct_conn.pdbx_ptnr3_label_comp_id 
_struct_conn.pdbx_ptnr3_label_asym_id 
_struct_conn.pdbx_ptnr3_label_alt_id 
_struct_conn.pdbx_ptnr3_PDB_ins_code 
_struct_conn.details 
_struct_conn.pdbx_dist_value 
_struct_conn.pdbx_value_order 
_struct_conn.pdbx_role 
covale1  covale one  ? A I6W 1  C02 ? ? ? 1_555 A LEU 2  N   ? ? A I6W 1  A LEU 2  1_555 ? ? ? ? ? ? ? 1.424 ? ? 
covale2  covale both ? A LEU 2  C   ? ? ? 1_555 A AIB 3  N   ? ? A LEU 2  A AIB 3  1_555 ? ? ? ? ? ? ? 1.330 ? ? 
covale3  covale both ? A AIB 3  C   ? ? ? 1_555 A ALA 4  N   ? ? A AIB 3  A ALA 4  1_555 ? ? ? ? ? ? ? 1.332 ? ? 
covale4  covale both ? A LEU 6  C   ? ? ? 1_555 A AIB 7  N   ? ? A LEU 6  A AIB 7  1_555 ? ? ? ? ? ? ? 1.331 ? ? 
covale5  covale both ? A AIB 7  C   ? ? ? 1_555 A GLN 8  N   ? ? A AIB 7  A GLN 8  1_555 ? ? ? ? ? ? ? 1.334 ? ? 
covale6  covale both ? A GLN 8  C   ? ? ? 1_555 A AIB 9  N   ? ? A GLN 8  A AIB 9  1_555 ? ? ? ? ? ? ? 1.332 ? ? 
covale7  covale both ? A AIB 9  C   ? ? ? 1_555 A LEU 10 N   ? ? A AIB 9  A LEU 10 1_555 ? ? ? ? ? ? ? 1.338 ? ? 
covale8  covale one  ? A LEU 10 C   ? ? ? 1_555 A I77 11 N15 ? ? A LEU 10 A I77 11 1_555 ? ? ? ? ? ? ? 1.418 ? ? 
covale9  covale one  ? B I6W 1  C02 ? ? ? 1_555 B LEU 2  N   ? ? B I6W 1  B LEU 2  1_555 ? ? ? ? ? ? ? 1.424 ? ? 
covale10 covale both ? B LEU 2  C   ? ? ? 1_555 B AIB 3  N   ? ? B LEU 2  B AIB 3  1_555 ? ? ? ? ? ? ? 1.324 ? ? 
covale11 covale both ? B AIB 3  C   ? ? ? 1_555 B ALA 4  N   ? ? B AIB 3  B ALA 4  1_555 ? ? ? ? ? ? ? 1.335 ? ? 
covale12 covale both ? B LEU 6  C   ? ? ? 1_555 B AIB 7  N   ? ? B LEU 6  B AIB 7  1_555 ? ? ? ? ? ? ? 1.333 ? ? 
covale13 covale both ? B AIB 7  C   ? ? ? 1_555 B GLN 8  N   A ? B AIB 7  B GLN 8  1_555 ? ? ? ? ? ? ? 1.330 ? ? 
covale14 covale both ? B AIB 7  C   ? ? ? 1_555 B GLN 8  N   B ? B AIB 7  B GLN 8  1_555 ? ? ? ? ? ? ? 1.331 ? ? 
covale15 covale both ? B GLN 8  C   A ? ? 1_555 B AIB 9  N   ? ? B GLN 8  B AIB 9  1_555 ? ? ? ? ? ? ? 1.329 ? ? 
covale16 covale both ? B GLN 8  C   B ? ? 1_555 B AIB 9  N   ? ? B GLN 8  B AIB 9  1_555 ? ? ? ? ? ? ? 1.329 ? ? 
covale17 covale both ? B AIB 9  C   ? ? ? 1_555 B LEU 10 N   A ? B AIB 9  B LEU 10 1_555 ? ? ? ? ? ? ? 1.339 ? ? 
covale18 covale both ? B AIB 9  C   ? ? ? 1_555 B LEU 10 N   B ? B AIB 9  B LEU 10 1_555 ? ? ? ? ? ? ? 1.331 ? ? 
covale19 covale one  ? B LEU 10 C   A ? ? 1_555 B I77 11 N15 ? ? B LEU 10 B I77 11 1_555 ? ? ? ? ? ? ? 1.420 ? ? 
covale20 covale one  ? B LEU 10 C   B ? ? 1_555 B I77 11 N15 ? ? B LEU 10 B I77 11 1_555 ? ? ? ? ? ? ? 1.425 ? ? 
# 
_struct_conn_type.id          covale 
_struct_conn_type.criteria    ? 
_struct_conn_type.reference   ? 
# 
_pdbx_validate_close_contact.id               1 
_pdbx_validate_close_contact.PDB_model_num    1 
_pdbx_validate_close_contact.auth_atom_id_1   O 
_pdbx_validate_close_contact.auth_asym_id_1   A 
_pdbx_validate_close_contact.auth_comp_id_1   HOH 
_pdbx_validate_close_contact.auth_seq_id_1    103 
_pdbx_validate_close_contact.PDB_ins_code_1   ? 
_pdbx_validate_close_contact.label_alt_id_1   ? 
_pdbx_validate_close_contact.auth_atom_id_2   O 
_pdbx_validate_close_contact.auth_asym_id_2   A 
_pdbx_validate_close_contact.auth_comp_id_2   HOH 
_pdbx_validate_close_contact.auth_seq_id_2    109 
_pdbx_validate_close_contact.PDB_ins_code_2   ? 
_pdbx_validate_close_contact.label_alt_id_2   ? 
_pdbx_validate_close_contact.dist             2.12 
# 
loop_
_space_group_symop.id 
_space_group_symop.operation_xyz 
1 x,y,z           
2 -x,y,-z         
3 x+1/2,y+1/2,z   
4 -x+1/2,y+1/2,-z 
# 
_pdbx_entry_details.entry_id                 8V5W 
_pdbx_entry_details.has_ligand_of_interest   Y 
_pdbx_entry_details.compound_details         ? 
_pdbx_entry_details.source_details           ? 
_pdbx_entry_details.nonpolymer_details       ? 
_pdbx_entry_details.sequence_details         ? 
# 
loop_
_chem_comp_atom.comp_id 
_chem_comp_atom.atom_id 
_chem_comp_atom.type_symbol 
_chem_comp_atom.pdbx_aromatic_flag 
_chem_comp_atom.pdbx_stereo_config 
_chem_comp_atom.pdbx_ordinal 
AIB N    N N N 1   
AIB CA   C N N 2   
AIB C    C N N 3   
AIB O    O N N 4   
AIB OXT  O N N 5   
AIB CB1  C N N 6   
AIB CB2  C N N 7   
AIB H    H N N 8   
AIB H2   H N N 9   
AIB HXT  H N N 10  
AIB HB11 H N N 11  
AIB HB12 H N N 12  
AIB HB13 H N N 13  
AIB HB21 H N N 14  
AIB HB22 H N N 15  
AIB HB23 H N N 16  
ALA N    N N N 17  
ALA CA   C N S 18  
ALA C    C N N 19  
ALA O    O N N 20  
ALA CB   C N N 21  
ALA OXT  O N N 22  
ALA H    H N N 23  
ALA H2   H N N 24  
ALA HA   H N N 25  
ALA HB1  H N N 26  
ALA HB2  H N N 27  
ALA HB3  H N N 28  
ALA HXT  H N N 29  
GLN N    N N N 30  
GLN CA   C N S 31  
GLN C    C N N 32  
GLN O    O N N 33  
GLN CB   C N N 34  
GLN CG   C N N 35  
GLN CD   C N N 36  
GLN OE1  O N N 37  
GLN NE2  N N N 38  
GLN OXT  O N N 39  
GLN H    H N N 40  
GLN H2   H N N 41  
GLN HA   H N N 42  
GLN HB2  H N N 43  
GLN HB3  H N N 44  
GLN HG2  H N N 45  
GLN HG3  H N N 46  
GLN HE21 H N N 47  
GLN HE22 H N N 48  
GLN HXT  H N N 49  
HOH O    O N N 50  
HOH H1   H N N 51  
HOH H2   H N N 52  
I6W C05  C Y N 53  
I6W C08  C Y N 54  
I6W C09  C Y N 55  
I6W N10  N Y N 56  
I6W C02  C N N 57  
I6W C03  C Y N 58  
I6W C04  C Y N 59  
I6W C06  C Y N 60  
I6W C11  C Y N 61  
I6W C12  C Y N 62  
I6W C13  C N N 63  
I6W C15  C N N 64  
I6W C16  C N N 65  
I6W C18  C Y N 66  
I6W C19  C Y N 67  
I6W N07  N Y N 68  
I6W O01  O N N 69  
I6W O14  O N N 70  
I6W O17  O N N 71  
I6W H051 H N N 72  
I6W H1   H N N 73  
I6W H041 H N N 74  
I6W H061 H N N 75  
I6W H111 H N N 76  
I6W H152 H N N 77  
I6W H151 H N N 78  
I6W H162 H N N 79  
I6W H163 H N N 80  
I6W H161 H N N 81  
I6W H181 H N N 82  
I6W H191 H N N 83  
I77 C11  C Y N 84  
I77 C12  C Y N 85  
I77 C13  C N N 86  
I77 C17  C Y N 87  
I77 C18  C Y N 88  
I77 C02  C N N 89  
I77 C03  C Y N 90  
I77 C04  C Y N 91  
I77 C05  C Y N 92  
I77 C06  C Y N 93  
I77 C08  C Y N 94  
I77 C09  C Y N 95  
I77 N01  N N N 96  
I77 N07  N Y N 97  
I77 N10  N Y N 98  
I77 N14  N N N 99  
I77 N15  N N N 100 
I77 O16  O N N 101 
I77 O19  O N N 102 
I77 H111 H N N 103 
I77 H171 H N N 104 
I77 H181 H N N 105 
I77 H041 H N N 106 
I77 H051 H N N 107 
I77 H061 H N N 108 
I77 H011 H N N 109 
I77 H012 H N N 110 
I77 H141 H N N 111 
I77 H1   H N N 112 
I77 H2   H N N 113 
LEU N    N N N 114 
LEU CA   C N S 115 
LEU C    C N N 116 
LEU O    O N N 117 
LEU CB   C N N 118 
LEU CG   C N N 119 
LEU CD1  C N N 120 
LEU CD2  C N N 121 
LEU OXT  O N N 122 
LEU H    H N N 123 
LEU H2   H N N 124 
LEU HA   H N N 125 
LEU HB2  H N N 126 
LEU HB3  H N N 127 
LEU HG   H N N 128 
LEU HD11 H N N 129 
LEU HD12 H N N 130 
LEU HD13 H N N 131 
LEU HD21 H N N 132 
LEU HD22 H N N 133 
LEU HD23 H N N 134 
LEU HXT  H N N 135 
THR N    N N N 136 
THR CA   C N S 137 
THR C    C N N 138 
THR O    O N N 139 
THR CB   C N R 140 
THR OG1  O N N 141 
THR CG2  C N N 142 
THR OXT  O N N 143 
THR H    H N N 144 
THR H2   H N N 145 
THR HA   H N N 146 
THR HB   H N N 147 
THR HG1  H N N 148 
THR HG21 H N N 149 
THR HG22 H N N 150 
THR HG23 H N N 151 
THR HXT  H N N 152 
# 
loop_
_chem_comp_bond.comp_id 
_chem_comp_bond.atom_id_1 
_chem_comp_bond.atom_id_2 
_chem_comp_bond.value_order 
_chem_comp_bond.pdbx_aromatic_flag 
_chem_comp_bond.pdbx_stereo_config 
_chem_comp_bond.pdbx_ordinal 
AIB N   CA   sing N N 1   
AIB N   H    sing N N 2   
AIB N   H2   sing N N 3   
AIB CA  C    sing N N 4   
AIB CA  CB1  sing N N 5   
AIB CA  CB2  sing N N 6   
AIB C   O    doub N N 7   
AIB C   OXT  sing N N 8   
AIB OXT HXT  sing N N 9   
AIB CB1 HB11 sing N N 10  
AIB CB1 HB12 sing N N 11  
AIB CB1 HB13 sing N N 12  
AIB CB2 HB21 sing N N 13  
AIB CB2 HB22 sing N N 14  
AIB CB2 HB23 sing N N 15  
ALA N   CA   sing N N 16  
ALA N   H    sing N N 17  
ALA N   H2   sing N N 18  
ALA CA  C    sing N N 19  
ALA CA  CB   sing N N 20  
ALA CA  HA   sing N N 21  
ALA C   O    doub N N 22  
ALA C   OXT  sing N N 23  
ALA CB  HB1  sing N N 24  
ALA CB  HB2  sing N N 25  
ALA CB  HB3  sing N N 26  
ALA OXT HXT  sing N N 27  
GLN N   CA   sing N N 28  
GLN N   H    sing N N 29  
GLN N   H2   sing N N 30  
GLN CA  C    sing N N 31  
GLN CA  CB   sing N N 32  
GLN CA  HA   sing N N 33  
GLN C   O    doub N N 34  
GLN C   OXT  sing N N 35  
GLN CB  CG   sing N N 36  
GLN CB  HB2  sing N N 37  
GLN CB  HB3  sing N N 38  
GLN CG  CD   sing N N 39  
GLN CG  HG2  sing N N 40  
GLN CG  HG3  sing N N 41  
GLN CD  OE1  doub N N 42  
GLN CD  NE2  sing N N 43  
GLN NE2 HE21 sing N N 44  
GLN NE2 HE22 sing N N 45  
GLN OXT HXT  sing N N 46  
HOH O   H1   sing N N 47  
HOH O   H2   sing N N 48  
I6W O01 C02  doub N N 49  
I6W C02 C03  sing N N 50  
I6W C03 C06  doub Y N 51  
I6W C03 C04  sing Y N 52  
I6W C06 N07  sing Y N 53  
I6W C04 C05  doub Y N 54  
I6W N07 C08  doub Y N 55  
I6W C05 C08  sing Y N 56  
I6W C08 C09  sing N N 57  
I6W C09 C19  doub Y N 58  
I6W C09 N10  sing Y N 59  
I6W C19 C18  sing Y N 60  
I6W N10 C11  doub Y N 61  
I6W C18 C12  doub Y N 62  
I6W C11 C12  sing Y N 63  
I6W C12 C13  sing N N 64  
I6W C13 O17  doub N N 65  
I6W C13 O14  sing N N 66  
I6W O14 C15  sing N N 67  
I6W C15 C16  sing N N 68  
I6W C05 H051 sing N N 69  
I6W C02 H1   sing N N 70  
I6W C04 H041 sing N N 71  
I6W C06 H061 sing N N 72  
I6W C11 H111 sing N N 73  
I6W C15 H152 sing N N 74  
I6W C15 H151 sing N N 75  
I6W C16 H162 sing N N 76  
I6W C16 H163 sing N N 77  
I6W C16 H161 sing N N 78  
I6W C18 H181 sing N N 79  
I6W C19 H191 sing N N 80  
I77 N15 N14  sing N N 81  
I77 O16 C13  doub N N 82  
I77 N14 C13  sing N N 83  
I77 C13 C12  sing N N 84  
I77 C12 C17  doub Y N 85  
I77 C12 C11  sing Y N 86  
I77 C17 C18  sing Y N 87  
I77 C11 N10  doub Y N 88  
I77 C18 C09  doub Y N 89  
I77 N10 C09  sing Y N 90  
I77 C09 C08  sing N N 91  
I77 C08 N07  doub Y N 92  
I77 C08 C05  sing Y N 93  
I77 N07 C06  sing Y N 94  
I77 C05 C04  doub Y N 95  
I77 C06 C03  doub Y N 96  
I77 C04 C03  sing Y N 97  
I77 C03 C02  sing N N 98  
I77 C02 N01  sing N N 99  
I77 C02 O19  doub N N 100 
I77 C11 H111 sing N N 101 
I77 C17 H171 sing N N 102 
I77 C18 H181 sing N N 103 
I77 C04 H041 sing N N 104 
I77 C05 H051 sing N N 105 
I77 C06 H061 sing N N 106 
I77 N01 H011 sing N N 107 
I77 N01 H012 sing N N 108 
I77 N14 H141 sing N N 109 
I77 N15 H1   sing N N 110 
I77 N15 H2   sing N N 111 
LEU N   CA   sing N N 112 
LEU N   H    sing N N 113 
LEU N   H2   sing N N 114 
LEU CA  C    sing N N 115 
LEU CA  CB   sing N N 116 
LEU CA  HA   sing N N 117 
LEU C   O    doub N N 118 
LEU C   OXT  sing N N 119 
LEU CB  CG   sing N N 120 
LEU CB  HB2  sing N N 121 
LEU CB  HB3  sing N N 122 
LEU CG  CD1  sing N N 123 
LEU CG  CD2  sing N N 124 
LEU CG  HG   sing N N 125 
LEU CD1 HD11 sing N N 126 
LEU CD1 HD12 sing N N 127 
LEU CD1 HD13 sing N N 128 
LEU CD2 HD21 sing N N 129 
LEU CD2 HD22 sing N N 130 
LEU CD2 HD23 sing N N 131 
LEU OXT HXT  sing N N 132 
THR N   CA   sing N N 133 
THR N   H    sing N N 134 
THR N   H2   sing N N 135 
THR CA  C    sing N N 136 
THR CA  CB   sing N N 137 
THR CA  HA   sing N N 138 
THR C   O    doub N N 139 
THR C   OXT  sing N N 140 
THR CB  OG1  sing N N 141 
THR CB  CG2  sing N N 142 
THR CB  HB   sing N N 143 
THR OG1 HG1  sing N N 144 
THR CG2 HG21 sing N N 145 
THR CG2 HG22 sing N N 146 
THR CG2 HG23 sing N N 147 
THR OXT HXT  sing N N 148 
# 
_pdbx_audit_support.funding_organization   'Department of Energy (DOE, United States)' 
_pdbx_audit_support.country                'United States' 
_pdbx_audit_support.grant_number           DE-AC02-06CH11357 
_pdbx_audit_support.ordinal                1 
# 
loop_
_pdbx_entity_instance_feature.ordinal 
_pdbx_entity_instance_feature.comp_id 
_pdbx_entity_instance_feature.asym_id 
_pdbx_entity_instance_feature.seq_num 
_pdbx_entity_instance_feature.auth_comp_id 
_pdbx_entity_instance_feature.auth_asym_id 
_pdbx_entity_instance_feature.auth_seq_num 
_pdbx_entity_instance_feature.feature_type 
_pdbx_entity_instance_feature.details 
1 AIB ? ? AIB ? ? 'SUBJECT OF INVESTIGATION' ? 
2 I6W ? ? I6W ? ? 'SUBJECT OF INVESTIGATION' ? 
3 I77 ? ? I77 ? ? 'SUBJECT OF INVESTIGATION' ? 
# 
_pdbx_initial_refinement_model.id               1 
_pdbx_initial_refinement_model.entity_id_list   ? 
_pdbx_initial_refinement_model.type             'experimental model' 
_pdbx_initial_refinement_model.source_name      PDB 
_pdbx_initial_refinement_model.accession_code   7TLS 
_pdbx_initial_refinement_model.details          ? 
# 
_space_group.name_H-M_alt     'C 1 2 1' 
_space_group.name_Hall        'C 2y' 
_space_group.IT_number        5 
_space_group.crystal_system   monoclinic 
_space_group.id               1 
# 
_atom_sites.entry_id                    8V5W 
_atom_sites.Cartn_transf_matrix[1][1]   ? 
_atom_sites.Cartn_transf_matrix[1][2]   ? 
_atom_sites.Cartn_transf_matrix[1][3]   ? 
_atom_sites.Cartn_transf_matrix[2][1]   ? 
_atom_sites.Cartn_transf_matrix[2][2]   ? 
_atom_sites.Cartn_transf_matrix[2][3]   ? 
_atom_sites.Cartn_transf_matrix[3][1]   ? 
_atom_sites.Cartn_transf_matrix[3][2]   ? 
_atom_sites.Cartn_transf_matrix[3][3]   ? 
_atom_sites.Cartn_transf_vector[1]      ? 
_atom_sites.Cartn_transf_vector[2]      ? 
_atom_sites.Cartn_transf_vector[3]      ? 
_atom_sites.Cartn_transform_axes        ? 
_atom_sites.fract_transf_matrix[1][1]   -0.01629149 
_atom_sites.fract_transf_matrix[1][2]   -0.00909228 
_atom_sites.fract_transf_matrix[1][3]   0.00209689 
_atom_sites.fract_transf_matrix[2][1]   0.01865936 
_atom_sites.fract_transf_matrix[2][2]   -0.01130863 
_atom_sites.fract_transf_matrix[2][3]   0.09593617 
_atom_sites.fract_transf_matrix[3][1]   -0.01830276 
_atom_sites.fract_transf_matrix[3][2]   0.02408545 
_atom_sites.fract_transf_matrix[3][3]   0.00639896 
_atom_sites.fract_transf_vector[1]      0.241353 
_atom_sites.fract_transf_vector[2]      -0.243021 
_atom_sites.fract_transf_vector[3]      0.240291 
_atom_sites.solution_primary            ? 
_atom_sites.solution_secondary          ? 
_atom_sites.solution_hydrogens          ? 
_atom_sites.special_details             ? 
# 
loop_
_atom_type.symbol 
_atom_type.scat_dispersion_real 
_atom_type.scat_dispersion_imag 
_atom_type.scat_Cromer_Mann_a1 
_atom_type.scat_Cromer_Mann_a2 
_atom_type.scat_Cromer_Mann_a3 
_atom_type.scat_Cromer_Mann_a4 
_atom_type.scat_Cromer_Mann_b1 
_atom_type.scat_Cromer_Mann_b2 
_atom_type.scat_Cromer_Mann_b3 
_atom_type.scat_Cromer_Mann_b4 
_atom_type.scat_Cromer_Mann_c 
_atom_type.scat_source 
_atom_type.scat_dispersion_source 
C ? ? 3.54356 2.42580 ? ? 25.62398 1.50364 ? ? 0.0 
;2-Gaussian fit: Grosse-Kunstleve RW, Sauter NK, Adams PD: Newsletter of the IUCr Commission on Crystallographic Computing 2004, 3, 22-31.
;
? 
H ? ? 0.51345 0.48472 ? ? 24.73122 6.32584 ? ? 0.0 
;2-Gaussian fit: Grosse-Kunstleve RW, Sauter NK, Adams PD: Newsletter of the IUCr Commission on Crystallographic Computing 2004, 3, 22-31.
;
? 
N ? ? 4.01032 2.96436 ? ? 19.97189 1.75589 ? ? 0.0 
;2-Gaussian fit: Grosse-Kunstleve RW, Sauter NK, Adams PD: Newsletter of the IUCr Commission on Crystallographic Computing 2004, 3, 22-31.
;
? 
O ? ? 4.49882 3.47563 ? ? 15.80542 1.70748 ? ? 0.0 
;2-Gaussian fit: Grosse-Kunstleve RW, Sauter NK, Adams PD: Newsletter of the IUCr Commission on Crystallographic Computing 2004, 3, 22-31.
;
? 
# 
loop_
_atom_site.group_PDB 
_atom_site.id 
_atom_site.type_symbol 
_atom_site.label_atom_id 
_atom_site.label_alt_id 
_atom_site.label_comp_id 
_atom_site.label_asym_id 
_atom_site.label_entity_id 
_atom_site.label_seq_id 
_atom_site.pdbx_PDB_ins_code 
_atom_site.Cartn_x 
_atom_site.Cartn_y 
_atom_site.Cartn_z 
_atom_site.occupancy 
_atom_site.B_iso_or_equiv 
_atom_site.pdbx_formal_charge 
_atom_site.auth_seq_id 
_atom_site.auth_comp_id 
_atom_site.auth_asym_id 
_atom_site.auth_atom_id 
_atom_site.pdbx_PDB_model_num 
HETATM 1   C C05  . I6W A 1 1  ? -16.69833 9.46993   -0.00209 1.000 4.57759  ? 1   I6W A C05  1 
HETATM 2   C C08  . I6W A 1 1  ? -17.48379 8.35575   -0.06575 1.000 4.82011  ? 1   I6W A C08  1 
HETATM 3   C C09  . I6W A 1 1  ? -18.94614 8.42757   0.28678  1.000 6.29485  ? 1   I6W A C09  1 
HETATM 4   N N10  . I6W A 1 1  ? -19.46414 9.54357   0.73740  1.000 8.92593  ? 1   I6W A N10  1 
HETATM 5   C C02  . I6W A 1 1  ? -13.44648 7.87195   -1.17784 1.000 5.00063  ? 1   I6W A C02  1 
HETATM 6   C C03  . I6W A 1 1  ? -14.88819 8.12717   -0.75681 1.000 4.69529  ? 1   I6W A C03  1 
HETATM 7   C C04  . I6W A 1 1  ? -15.34237 9.37785   -0.35610 1.000 4.55875  ? 1   I6W A C04  1 
HETATM 8   C C06  . I6W A 1 1  ? -15.74127 7.05464   -0.79243 1.000 5.28661  ? 1   I6W A C06  1 
HETATM 9   C C11  . I6W A 1 1  ? -20.74956 9.61605   1.01228  1.000 9.33911  ? 1   I6W A C11  1 
HETATM 10  C C12  . I6W A 1 1  ? -21.57734 8.51699   0.80951  1.000 8.57614  ? 1   I6W A C12  1 
HETATM 11  C C13  . I6W A 1 1  ? -23.08171 8.63432   1.15118  1.000 12.45102 ? 1   I6W A C13  1 
HETATM 12  C C15  . I6W A 1 1  ? -24.85248 9.94661   2.09973  1.000 18.75081 ? 1   I6W A C15  1 
HETATM 13  C C16  . I6W A 1 1  ? -24.74886 10.32427  3.59605  1.000 20.75799 ? 1   I6W A C16  1 
HETATM 14  C C18  . I6W A 1 1  ? -21.07166 7.34768   0.32521  1.000 6.73391  ? 1   I6W A C18  1 
HETATM 15  C C19  . I6W A 1 1  ? -19.71521 7.31254   0.05357  1.000 6.39067  ? 1   I6W A C19  1 
HETATM 16  N N07  . I6W A 1 1  ? -17.01133 7.18051   -0.45736 1.000 5.25843  ? 1   I6W A N07  1 
HETATM 17  O O01  . I6W A 1 1  ? -12.94649 6.77992   -1.13049 1.000 5.34234  ? 1   I6W A O01  1 
HETATM 18  O O14  . I6W A 1 1  ? -23.50597 9.90049   1.60577  1.000 16.43450 ? 1   I6W A O14  1 
HETATM 19  O O17  . I6W A 1 1  ? -23.80995 7.72143   1.03714  1.000 13.10049 ? 1   I6W A O17  1 
HETATM 20  H H051 . I6W A 1 1  ? -17.11116 10.40283  0.31397  1.000 5.49310  ? 1   I6W A H051 1 
HETATM 21  H H041 . I6W A 1 1  ? -14.66156 10.26635  -0.31765 1.000 5.47050  ? 1   I6W A H041 1 
HETATM 22  H H061 . I6W A 1 1  ? -15.36463 6.08423   -1.10203 1.000 6.34394  ? 1   I6W A H061 1 
HETATM 23  H H111 . I6W A 1 1  ? -21.15868 10.52277  1.39269  1.000 11.20693 ? 1   I6W A H111 1 
HETATM 24  H H152 . I6W A 1 1  ? -25.32562 8.97869   1.98945  1.000 22.50097 ? 1   I6W A H152 1 
HETATM 25  H H151 . I6W A 1 1  ? -25.42323 10.69443  1.56316  1.000 22.50097 ? 1   I6W A H151 1 
HETATM 26  H H162 . I6W A 1 1  ? -23.82885 9.88412   4.02392  1.000 24.90958 ? 1   I6W A H162 1 
HETATM 27  H H163 . I6W A 1 1  ? -25.63111 9.93320   4.13634  1.000 24.90958 ? 1   I6W A H163 1 
HETATM 28  H H161 . I6W A 1 1  ? -24.71263 11.42514  3.69617  1.000 24.90958 ? 1   I6W A H161 1 
HETATM 29  H H181 . I6W A 1 1  ? -21.70693 6.47772   0.15877  1.000 8.08070  ? 1   I6W A H181 1 
HETATM 30  H H191 . I6W A 1 1  ? -19.26008 6.40713   -0.34246 1.000 7.66881  ? 1   I6W A H191 1 
ATOM   31  N N    . LEU A 1 2  ? -12.83332 8.97842   -1.83183 1.000 4.97048  ? 2   LEU A N    1 
ATOM   32  C CA   . LEU A 1 2  ? -11.56236 8.71119   -2.48774 1.000 4.74361  ? 2   LEU A CA   1 
ATOM   33  C C    . LEU A 1 2  ? -10.51638 8.15462   -1.51992 1.000 4.44593  ? 2   LEU A C    1 
ATOM   34  O O    . LEU A 1 2  ? -9.82100  7.17885   -1.83312 1.000 4.96985  ? 2   LEU A O    1 
ATOM   35  C CB   . LEU A 1 2  ? -11.04381 9.98832   -3.13240 1.000 4.91395  ? 2   LEU A CB   1 
ATOM   36  C CG   . LEU A 1 2  ? -9.71674  9.84237   -3.86908 1.000 5.62105  ? 2   LEU A CG   1 
ATOM   37  C CD1  . LEU A 1 2  ? -9.76210  8.71756   -4.89643 1.000 6.36910  ? 2   LEU A CD1  1 
ATOM   38  C CD2  . LEU A 1 2  ? -9.36899  11.15900  -4.52633 1.000 5.66499  ? 2   LEU A CD2  1 
ATOM   39  H H    . LEU A 1 2  ? -12.77848 9.57300   -1.21418 1.000 5.96457  ? 2   LEU A H    1 
ATOM   40  H HA   . LEU A 1 2  ? -11.70064 8.03879   -3.17306 1.000 5.69233  ? 2   LEU A HA   1 
ATOM   41  H HB2  . LEU A 1 2  ? -11.70193 10.29675  -3.77477 1.000 5.89674  ? 2   LEU A HB2  1 
ATOM   42  H HB3  . LEU A 1 2  ? -10.92054 10.65427  -2.43798 1.000 5.89674  ? 2   LEU A HB3  1 
ATOM   43  H HG   . LEU A 1 2  ? -9.02210  9.60768   -3.23401 1.000 6.74526  ? 2   LEU A HG   1 
ATOM   44  H HD11 . LEU A 1 2  ? -8.98177  8.78125   -5.46909 1.000 7.64292  ? 2   LEU A HD11 1 
ATOM   45  H HD12 . LEU A 1 2  ? -9.76314  7.86579   -4.43231 1.000 7.64292  ? 2   LEU A HD12 1 
ATOM   46  H HD13 . LEU A 1 2  ? -10.56956 8.80640   -5.42653 1.000 7.64292  ? 2   LEU A HD13 1 
ATOM   47  H HD21 . LEU A 1 2  ? -8.47077  11.10375  -4.88832 1.000 6.79799  ? 2   LEU A HD21 1 
ATOM   48  H HD22 . LEU A 1 2  ? -10.00293 11.33307  -5.23958 1.000 6.79799  ? 2   LEU A HD22 1 
ATOM   49  H HD23 . LEU A 1 2  ? -9.41540  11.86512  -3.86290 1.000 6.79799  ? 2   LEU A HD23 1 
HETATM 50  N N    . AIB A 1 3  ? -10.41926 8.73833   -0.32844 1.000 4.98928  ? 3   AIB A N    1 
HETATM 51  C CA   . AIB A 1 3  ? -9.40681  8.33360   0.63173  1.000 5.49140  ? 3   AIB A CA   1 
HETATM 52  C C    . AIB A 1 3  ? -9.49560  6.81738   0.91777  1.000 5.04235  ? 3   AIB A C    1 
HETATM 53  O O    . AIB A 1 3  ? -8.51448  6.08456   0.89085  1.000 5.93281  ? 3   AIB A O    1 
HETATM 54  C CB1  . AIB A 1 3  ? -7.98655  8.59889   0.09203  1.000 6.10722  ? 3   AIB A CB1  1 
HETATM 55  C CB2  . AIB A 1 3  ? -9.59625  9.07879   1.96758  1.000 6.34465  ? 3   AIB A CB2  1 
HETATM 56  H H    . AIB A 1 3  ? -11.17155 9.21011   0.13362  1.000 5.98714  ? 3   AIB A H    1 
HETATM 57  H HB11 . AIB A 1 3  ? -7.86150  8.10133   -0.89906 1.000 7.32866  ? 3   AIB A HB11 1 
HETATM 58  H HB12 . AIB A 1 3  ? -7.82762  9.69725   -0.02541 1.000 7.32866  ? 3   AIB A HB12 1 
HETATM 59  H HB13 . AIB A 1 3  ? -7.23078  8.19231   0.80543  1.000 7.32866  ? 3   AIB A HB13 1 
HETATM 60  H HB21 . AIB A 1 3  ? -8.74906  8.82530   2.65000  1.000 7.61358  ? 3   AIB A HB21 1 
HETATM 61  H HB22 . AIB A 1 3  ? -9.61110  10.17859  1.77283  1.000 7.61358  ? 3   AIB A HB22 1 
HETATM 62  H HB23 . AIB A 1 3  ? -10.56309 8.76156   2.42831  1.000 7.61358  ? 3   AIB A HB23 1 
ATOM   63  N N    . ALA A 1 4  ? -10.71281 6.34671   1.18413  1.000 6.29606  ? 4   ALA A N    1 
ATOM   64  C CA   . ALA A 1 4  ? -10.93368 4.93023   1.49665  1.000 6.61633  ? 4   ALA A CA   1 
ATOM   65  C C    . ALA A 1 4  ? -10.68821 4.02208   0.30198  1.000 6.31351  ? 4   ALA A C    1 
ATOM   66  O O    . ALA A 1 4  ? -10.25286 2.87795   0.45165  1.000 6.78820  ? 4   ALA A O    1 
ATOM   67  C CB   . ALA A 1 4  ? -12.32949 4.71963   2.00949  1.000 8.72777  ? 4   ALA A CB   1 
ATOM   68  H H    . ALA A 1 4  ? -11.42788 6.82444   1.19091  1.000 7.55527  ? 4   ALA A H    1 
ATOM   69  H HA   . ALA A 1 4  ? -10.29861 4.68187   2.18652  1.000 7.93959  ? 4   ALA A HA   1 
ATOM   70  H HB1  . ALA A 1 4  ? -12.43264 3.79169   2.27254  1.000 10.47332 ? 4   ALA A HB1  1 
ATOM   71  H HB2  . ALA A 1 4  ? -12.47571 5.29839   2.77405  1.000 10.47332 ? 4   ALA A HB2  1 
ATOM   72  H HB3  . ALA A 1 4  ? -12.96063 4.93596   1.30538  1.000 10.47332 ? 4   ALA A HB3  1 
ATOM   73  N N    . THR A 1 5  ? -11.00026 4.54218   -0.88449 1.000 6.06676  ? 5   THR A N    1 
ATOM   74  C CA   . THR A 1 5  ? -10.72609 3.81037   -2.11515 1.000 6.06800  ? 5   THR A CA   1 
ATOM   75  C C    . THR A 1 5  ? -9.22651  3.61504   -2.31655 1.000 5.18628  ? 5   THR A C    1 
ATOM   76  O O    . THR A 1 5  ? -8.76521  2.48894   -2.53655 1.000 6.11418  ? 5   THR A O    1 
ATOM   77  C CB   . THR A 1 5  ? -11.37045 4.53268   -3.29720 1.000 6.39086  ? 5   THR A CB   1 
ATOM   78  O OG1  . THR A 1 5  ? -12.77188 4.68790   -3.03969 1.000 7.40558  ? 5   THR A OG1  1 
ATOM   79  C CG2  . THR A 1 5  ? -11.18446 3.77373   -4.59021 1.000 8.24043  ? 5   THR A CG2  1 
ATOM   80  H H    . THR A 1 5  ? -11.36828 5.31052   -1.00208 1.000 7.28011  ? 5   THR A H    1 
ATOM   81  H HA   . THR A 1 5  ? -11.12355 2.92718   -2.06127 1.000 7.28160  ? 5   THR A HA   1 
ATOM   82  H HB   . THR A 1 5  ? -10.94713 5.39859   -3.40632 1.000 7.66903  ? 5   THR A HB   1 
ATOM   83  H HG1  . THR A 1 5  ? -13.12990 5.13173   -3.65649 1.000 8.88669  ? 5   THR A HG1  1 
ATOM   84  H HG21 . THR A 1 5  ? -11.60448 4.25456   -5.32048 1.000 9.88852  ? 5   THR A HG21 1 
ATOM   85  H HG22 . THR A 1 5  ? -10.23910 3.67251   -4.78245 1.000 9.88852  ? 5   THR A HG22 1 
ATOM   86  H HG23 . THR A 1 5  ? -11.58726 2.89416   -4.51952 1.000 9.88852  ? 5   THR A HG23 1 
ATOM   87  N N    . LEU A 1 6  ? -8.44281  4.68554   -2.21530 1.000 4.96792  ? 6   LEU A N    1 
ATOM   88  C CA   . LEU A 1 6  ? -7.00304  4.54525   -2.38276 1.000 4.65037  ? 6   LEU A CA   1 
ATOM   89  C C    . LEU A 1 6  ? -6.38667  3.69207   -1.27691 1.000 4.47210  ? 6   LEU A C    1 
ATOM   90  O O    . LEU A 1 6  ? -5.42729  2.95933   -1.52028 1.000 5.16848  ? 6   LEU A O    1 
ATOM   91  C CB   . LEU A 1 6  ? -6.32157  5.90265   -2.42340 1.000 4.56355  ? 6   LEU A CB   1 
ATOM   92  C CG   . LEU A 1 6  ? -6.74991  6.78876   -3.58685 1.000 5.47142  ? 6   LEU A CG   1 
ATOM   93  C CD1  . LEU A 1 6  ? -5.95298  8.08758   -3.54518 1.000 6.55831  ? 6   LEU A CD1  1 
ATOM   94  C CD2  . LEU A 1 6  ? -6.56428  6.08873   -4.91833 1.000 5.73879  ? 6   LEU A CD2  1 
ATOM   95  H H    . LEU A 1 6  ? -8.71624  5.48478   -2.05387 1.000 5.96150  ? 6   LEU A H    1 
ATOM   96  H HA   . LEU A 1 6  ? -6.84206  4.10126   -3.23002 1.000 5.58044  ? 6   LEU A HA   1 
ATOM   97  H HB2  . LEU A 1 6  ? -6.52759  6.37598   -1.60216 1.000 5.47626  ? 6   LEU A HB2  1 
ATOM   98  H HB3  . LEU A 1 6  ? -5.36409  5.76510   -2.49576 1.000 5.47626  ? 6   LEU A HB3  1 
ATOM   99  H HG   . LEU A 1 6  ? -7.69543  6.98945   -3.50557 1.000 6.56570  ? 6   LEU A HG   1 
ATOM   100 H HD11 . LEU A 1 6  ? -6.14017  8.59885   -4.34796 1.000 7.86997  ? 6   LEU A HD11 1 
ATOM   101 H HD12 . LEU A 1 6  ? -6.21619  8.59457   -2.76123 1.000 7.86997  ? 6   LEU A HD12 1 
ATOM   102 H HD13 . LEU A 1 6  ? -5.00727  7.87652   -3.50044 1.000 7.86997  ? 6   LEU A HD13 1 
ATOM   103 H HD21 . LEU A 1 6  ? -7.20945  5.36783   -4.98876 1.000 6.88655  ? 6   LEU A HD21 1 
ATOM   104 H HD22 . LEU A 1 6  ? -6.70395  6.72870   -5.63377 1.000 6.88655  ? 6   LEU A HD22 1 
ATOM   105 H HD23 . LEU A 1 6  ? -5.66341  5.73210   -4.96474 1.000 6.88655  ? 6   LEU A HD23 1 
HETATM 106 N N    . AIB A 1 7  ? -6.92961  3.79810   -0.06638 1.000 4.83032  ? 7   AIB A N    1 
HETATM 107 C CA   . AIB A 1 7  ? -6.47488  3.02238   1.07620  1.000 5.17521  ? 7   AIB A CA   1 
HETATM 108 C C    . AIB A 1 7  ? -6.47001  1.50516   0.79382  1.000 3.96507  ? 7   AIB A C    1 
HETATM 109 O O    . AIB A 1 7  ? -5.76110  0.72469   1.43457  1.000 4.56663  ? 7   AIB A O    1 
HETATM 110 C CB1  . AIB A 1 7  ? -5.03858  3.42889   1.51377  1.000 5.61722  ? 7   AIB A CB1  1 
HETATM 111 C CB2  . AIB A 1 7  ? -7.42326  3.22887   2.27408  1.000 5.00576  ? 7   AIB A CB2  1 
HETATM 112 H H    . AIB A 1 7  ? -7.41782  4.61042   0.25579  1.000 5.79639  ? 7   AIB A H    1 
HETATM 113 H HB11 . AIB A 1 7  ? -4.32774  3.26717   0.66877  1.000 6.74066  ? 7   AIB A HB11 1 
HETATM 114 H HB12 . AIB A 1 7  ? -5.02453  4.50616   1.80489  1.000 6.74066  ? 7   AIB A HB12 1 
HETATM 115 H HB13 . AIB A 1 7  ? -4.72085  2.80843   2.38528  1.000 6.74066  ? 7   AIB A HB13 1 
HETATM 116 H HB21 . AIB A 1 7  ? -6.99944  2.71090   3.16839  1.000 6.00691  ? 7   AIB A HB21 1 
HETATM 117 H HB22 . AIB A 1 7  ? -7.51950  4.32272   2.47882  1.000 6.00691  ? 7   AIB A HB22 1 
HETATM 118 H HB23 . AIB A 1 7  ? -8.42399  2.79953   2.02527  1.000 6.00691  ? 7   AIB A HB23 1 
ATOM   119 N N    . GLN A 1 8  ? -7.29086  1.07169   -0.16418 1.000 4.23619  ? 8   GLN A N    1 
ATOM   120 C CA   . GLN A 1 8  ? -7.34557  -0.34501  -0.47837 1.000 4.73131  ? 8   GLN A CA   1 
ATOM   121 C C    . GLN A 1 8  ? -6.00920  -0.86223  -1.01368 1.000 4.46114  ? 8   GLN A C    1 
ATOM   122 O O    . GLN A 1 8  ? -5.75047  -2.07247  -0.97087 1.000 5.01559  ? 8   GLN A O    1 
ATOM   123 C CB   . GLN A 1 8  ? -8.48409  -0.64467  -1.44567 1.000 5.67580  ? 8   GLN A CB   1 
ATOM   124 C CG   . GLN A 1 8  ? -9.84772  -0.25719  -0.90499 1.000 6.97184  ? 8   GLN A CG   1 
ATOM   125 C CD   . GLN A 1 8  ? -10.10925 -0.83968  0.45318  1.000 8.33498  ? 8   GLN A CD   1 
ATOM   126 O OE1  . GLN A 1 8  ? -9.97653  -2.04659  0.66083  1.000 9.79847  ? 8   GLN A OE1  1 
ATOM   127 N NE2  . GLN A 1 8  ? -10.46286 0.02033   1.40156  1.000 9.05611  ? 8   GLN A NE2  1 
ATOM   128 H H    . GLN A 1 8  ? -7.81165  1.57094   -0.63230 1.000 5.08343  ? 8   GLN A H    1 
ATOM   129 H HA   . GLN A 1 8  ? -7.52723  -0.83582  0.33833  1.000 5.67758  ? 8   GLN A HA   1 
ATOM   130 H HB2  . GLN A 1 8  ? -8.33695  -0.14915  -2.26646 1.000 6.81096  ? 8   GLN A HB2  1 
ATOM   131 H HB3  . GLN A 1 8  ? -8.49617  -1.59680  -1.63058 1.000 6.81096  ? 8   GLN A HB3  1 
ATOM   132 H HG2  . GLN A 1 8  ? -9.89852  0.70886   -0.83386 1.000 8.36621  ? 8   GLN A HG2  1 
ATOM   133 H HG3  . GLN A 1 8  ? -10.53323 -0.58184  -1.50963 1.000 8.36621  ? 8   GLN A HG3  1 
ATOM   134 H HE21 . GLN A 1 8  ? -10.62447 -0.26051  2.19818  1.000 10.86733 ? 8   GLN A HE21 1 
ATOM   135 H HE22 . GLN A 1 8  ? -10.53022 0.85803   1.21901  1.000 10.86733 ? 8   GLN A HE22 1 
HETATM 136 N N    . AIB A 1 9  ? -5.16374  0.03488   -1.51744 1.000 3.99574  ? 9   AIB A N    1 
HETATM 137 C CA   . AIB A 1 9  ? -3.80342  -0.30902  -1.89612 1.000 4.95959  ? 9   AIB A CA   1 
HETATM 138 C C    . AIB A 1 9  ? -3.02569  -0.98102  -0.74255 1.000 5.26581  ? 9   AIB A C    1 
HETATM 139 O O    . AIB A 1 9  ? -2.06796  -1.73593  -0.93959 1.000 6.30518  ? 9   AIB A O    1 
HETATM 140 C CB1  . AIB A 1 9  ? -3.78996  -1.23419  -3.14387 1.000 5.62194  ? 9   AIB A CB1  1 
HETATM 141 C CB2  . AIB A 1 9  ? -3.01802  0.98190   -2.19285 1.000 5.78936  ? 9   AIB A CB2  1 
HETATM 142 H H    . AIB A 1 9  ? -5.44793  0.87103   -1.98867 1.000 4.79489  ? 9   AIB A H    1 
HETATM 143 H HB11 . AIB A 1 9  ? -4.33297  -0.74030  -3.98451 1.000 6.74633  ? 9   AIB A HB11 1 
HETATM 144 H HB12 . AIB A 1 9  ? -2.73641  -1.43335  -3.45342 1.000 6.74633  ? 9   AIB A HB12 1 
HETATM 145 H HB13 . AIB A 1 9  ? -4.29073  -2.20143  -2.90068 1.000 6.74633  ? 9   AIB A HB13 1 
HETATM 146 H HB21 . AIB A 1 9  ? -3.43933  1.46282   -3.10877 1.000 6.94724  ? 9   AIB A HB21 1 
HETATM 147 H HB22 . AIB A 1 9  ? -3.11300  1.67498   -1.32204 1.000 6.94724  ? 9   AIB A HB22 1 
HETATM 148 H HB23 . AIB A 1 9  ? -1.94361  0.72526   -2.35861 1.000 6.94724  ? 9   AIB A HB23 1 
ATOM   149 N N    . LEU A 1 10 ? -3.43660  -0.65563  0.48860  1.000 5.28348  ? 10  LEU A N    1 
ATOM   150 C CA   . LEU A 1 10 ? -2.80128  -1.19297  1.70331  1.000 5.36394  ? 10  LEU A CA   1 
ATOM   151 C C    . LEU A 1 10 ? -3.66759  -2.24164  2.39564  1.000 5.67898  ? 10  LEU A C    1 
ATOM   152 O O    . LEU A 1 10 ? -3.46456  -2.63279  3.52718  1.000 5.49243  ? 10  LEU A O    1 
ATOM   153 C CB   . LEU A 1 10 ? -2.52595  -0.06436  2.68089  1.000 6.01554  ? 10  LEU A CB   1 
ATOM   154 C CG   . LEU A 1 10 ? -1.22577  0.70819   2.48376  1.000 6.55593  ? 10  LEU A CG   1 
ATOM   155 C CD1  . LEU A 1 10 ? -1.25328  1.55489   1.22084  1.000 6.66674  ? 10  LEU A CD1  1 
ATOM   156 C CD2  . LEU A 1 10 ? -0.95399  1.57381   3.69410  1.000 7.27795  ? 10  LEU A CD2  1 
ATOM   157 H H    . LEU A 1 10 ? -4.08893  -0.11940  0.65143  1.000 6.34017  ? 10  LEU A H    1 
ATOM   158 H HA   . LEU A 1 10 ? -1.96874  -1.61886  1.44567  1.000 6.43672  ? 10  LEU A HA   1 
ATOM   159 H HB2  . LEU A 1 10 ? -3.25097  0.57628   2.61140  1.000 7.21865  ? 10  LEU A HB2  1 
ATOM   160 H HB3  . LEU A 1 10 ? -2.50053  -0.44097  3.57444  1.000 7.21865  ? 10  LEU A HB3  1 
ATOM   161 H HG   . LEU A 1 10 ? -0.50263  0.07004   2.38013  1.000 7.86712  ? 10  LEU A HG   1 
ATOM   162 H HD11 . LEU A 1 10 ? -0.45469  2.10472   1.19181  1.000 8.00008  ? 10  LEU A HD11 1 
ATOM   163 H HD12 . LEU A 1 10 ? -1.27971  0.96892   0.44830  1.000 8.00008  ? 10  LEU A HD12 1 
ATOM   164 H HD13 . LEU A 1 10 ? -2.04258  2.11854   1.23565  1.000 8.00008  ? 10  LEU A HD13 1 
ATOM   165 H HD21 . LEU A 1 10 ? -0.11161  2.03784   3.56775  1.000 8.73354  ? 10  LEU A HD21 1 
ATOM   166 H HD22 . LEU A 1 10 ? -1.67425  2.21626   3.79103  1.000 8.73354  ? 10  LEU A HD22 1 
ATOM   167 H HD23 . LEU A 1 10 ? -0.90591  1.00948   4.48158  1.000 8.73354  ? 10  LEU A HD23 1 
HETATM 168 C C11  . I77 A 1 11 ? -7.58773  -5.72208  2.75026  1.000 7.13125  ? 11  I77 A C11  1 
HETATM 169 C C12  . I77 A 1 11 ? -6.33857  -6.10324  2.26606  1.000 6.92973  ? 11  I77 A C12  1 
HETATM 170 C C13  . I77 A 1 11 ? -5.26069  -5.11225  1.85818  1.000 6.41672  ? 11  I77 A C13  1 
HETATM 171 C C17  . I77 A 1 11 ? -6.06764  -7.44393  2.05648  1.000 7.34660  ? 11  I77 A C17  1 
HETATM 172 C C18  . I77 A 1 11 ? -7.04423  -8.36577  2.34362  1.000 7.22537  ? 11  I77 A C18  1 
HETATM 173 C C02  . I77 A 1 11 ? -12.38375 -11.80055 3.81452  1.000 11.85428 ? 11  I77 A C02  1 
HETATM 174 C C03  . I77 A 1 11 ? -11.28747 -10.75636 3.54323  1.000 10.15420 ? 11  I77 A C03  1 
HETATM 175 C C04  . I77 A 1 11 ? -11.55336 -9.42698  3.81256  1.000 9.90781  ? 11  I77 A C04  1 
HETATM 176 C C05  . I77 A 1 11 ? -10.55392 -8.49640  3.58233  1.000 8.59156  ? 11  I77 A C05  1 
HETATM 177 C C06  . I77 A 1 11 ? -10.04622 -11.13683 3.07525  1.000 11.42255 ? 11  I77 A C06  1 
HETATM 178 C C08  . I77 A 1 11 ? -9.33452  -8.93860  3.14230  1.000 8.69443  ? 11  I77 A C08  1 
HETATM 179 C C09  . I77 A 1 11 ? -8.25213  -7.92693  2.85662  1.000 7.65214  ? 11  I77 A C09  1 
HETATM 180 N N01  . I77 A 1 11 ? -13.70097 -11.33348 4.24254  1.000 13.91648 ? 11  I77 A N01  1 
HETATM 181 N N07  . I77 A 1 11 ? -9.12372  -10.21300 2.87791  1.000 11.32294 ? 11  I77 A N07  1 
HETATM 182 N N10  . I77 A 1 11 ? -8.49618  -6.64268  3.03281  1.000 7.56591  ? 11  I77 A N10  1 
HETATM 183 N N14  . I77 A 1 11 ? -5.61161  -3.72066  2.03850  1.000 6.35188  ? 11  I77 A N14  1 
HETATM 184 N N15  . I77 A 1 11 ? -4.72510  -2.74139  1.59330  1.000 6.20489  ? 11  I77 A N15  1 
HETATM 185 O O16  . I77 A 1 11 ? -4.24248  -5.44738  1.32436  1.000 7.89418  ? 11  I77 A O16  1 
HETATM 186 O O19  . I77 A 1 11 ? -12.14104 -12.95869 3.70610  1.000 14.17416 ? 11  I77 A O19  1 
HETATM 187 H H111 . I77 A 1 11 ? -7.81490  -4.67724  2.89498  1.000 8.55750  ? 11  I77 A H111 1 
HETATM 188 H H171 . I77 A 1 11 ? -5.09879  -7.76187  1.67131  1.000 8.81592  ? 11  I77 A H171 1 
HETATM 189 H H181 . I77 A 1 11 ? -6.87082  -9.42579  2.17029  1.000 8.67044  ? 11  I77 A H181 1 
HETATM 190 H H041 . I77 A 1 11 ? -12.51147 -9.12329  4.19106  1.000 11.88937 ? 11  I77 A H041 1 
HETATM 191 H H051 . I77 A 1 11 ? -10.73258 -7.44097  3.74673  1.000 10.30987 ? 11  I77 A H051 1 
HETATM 192 H H061 . I77 A 1 11 ? -9.83210  -12.17694 2.87302  1.000 13.70706 ? 11  I77 A H061 1 
HETATM 193 H H011 . I77 A 1 11 ? -13.88791 -10.35908 4.35818  1.000 16.69977 ? 11  I77 A H011 1 
HETATM 194 H H012 . I77 A 1 11 ? -14.43241 -11.99771 4.45431  1.000 16.69977 ? 11  I77 A H012 1 
HETATM 195 H H141 . I77 A 1 11 ? -6.47973  -3.46392  2.47726  1.000 7.62225  ? 11  I77 A H141 1 
HETATM 196 H H1   . I77 A 1 11 ? -4.12035  -3.12964  0.89712  1.000 7.44587  ? 11  I77 A H1   1 
HETATM 197 C C05  . I6W B 1 1  ? 14.21262  -10.40427 -4.09859 1.000 5.46383  ? 1   I6W B C05  1 
HETATM 198 C C08  . I6W B 1 1  ? 15.09329  -9.38732  -3.83937 1.000 5.09076  ? 1   I6W B C08  1 
HETATM 199 C C09  . I6W B 1 1  ? 16.57595  -9.60963  -3.97575 1.000 6.91498  ? 1   I6W B C09  1 
HETATM 200 N N10  . I6W B 1 1  ? 17.03888  -10.78134 -4.32659 1.000 12.53692 ? 1   I6W B N10  1 
HETATM 201 C C02  . I6W B 1 1  ? 11.01463  -8.40789  -3.44001 1.000 3.86926  ? 1   I6W B C02  1 
HETATM 202 C C03  . I6W B 1 1  ? 12.45481  -8.87082  -3.60275 1.000 4.13514  ? 1   I6W B C03  1 
HETATM 203 C C04  . I6W B 1 1  ? 12.83417  -10.15839 -3.97386 1.000 4.94643  ? 1   I6W B C04  1 
HETATM 204 C C06  . I6W B 1 1  ? 13.39935  -7.90841  -3.36004 1.000 4.65407  ? 1   I6W B C06  1 
HETATM 205 C C11  . I6W B 1 1  ? 18.33408  -10.98072 -4.46189 1.000 14.74729 ? 1   I6W B C11  1 
HETATM 206 C C12  . I6W B 1 1  ? 19.22561  -9.93912  -4.25071 1.000 14.42673 ? 1   I6W B C12  1 
HETATM 207 C C13  . I6W B 1 1  ? 20.75501  -10.14879 -4.41687 1.000 19.49519 ? 1   I6W B C13  1 
HETATM 208 C C15  . I6W B 1 1  ? 22.61249  -11.19989 -5.50640 1.000 26.11111 ? 1   I6W B C15  1 
HETATM 209 C C16  . I6W B 1 1  ? 22.66008  -10.47438 -6.87673 1.000 28.08130 ? 1   I6W B C16  1 
HETATM 210 C C18  . I6W B 1 1  ? 18.77823  -8.69646  -3.90147 1.000 11.30354 ? 1   I6W B C18  1 
HETATM 211 C C19  . I6W B 1 1  ? 17.40356  -8.53443  -3.76250 1.000 10.04858 ? 1   I6W B C19  1 
HETATM 212 N N07  . I6W B 1 1  ? 14.68742  -8.17151  -3.48106 1.000 5.23743  ? 1   I6W B N07  1 
HETATM 213 O O01  . I6W B 1 1  ? 10.73452  -7.30433  -3.05013 1.000 4.61058  ? 1   I6W B O01  1 
HETATM 214 O O14  . I6W B 1 1  ? 21.22895  -11.29396 -5.11050 1.000 23.62003 ? 1   I6W B O14  1 
HETATM 215 O O17  . I6W B 1 1  ? 21.48703  -9.33495  -3.99323 1.000 19.13167 ? 1   I6W B O17  1 
HETATM 216 H H051 . I6W B 1 1  ? 14.56797  -11.36813 -4.39067 1.000 6.55659  ? 1   I6W B H051 1 
HETATM 217 H H041 . I6W B 1 1  ? 12.07573  -10.96028 -4.16396 1.000 5.93571  ? 1   I6W B H041 1 
HETATM 218 H H061 . I6W B 1 1  ? 13.08278  -6.91287  -3.06323 1.000 5.58488  ? 1   I6W B H061 1 
HETATM 219 H H111 . I6W B 1 1  ? 18.69778  -11.94397 -4.73410 1.000 17.69675 ? 1   I6W B H111 1 
HETATM 220 H H152 . I6W B 1 1  ? 23.03731  -12.19171 -5.59979 1.000 31.33333 ? 1   I6W B H152 1 
HETATM 221 H H151 . I6W B 1 1  ? 23.16876  -10.63312 -4.77004 1.000 31.33333 ? 1   I6W B H151 1 
HETATM 222 H H162 . I6W B 1 1  ? 22.79728  -9.38905  -6.71405 1.000 33.69756 ? 1   I6W B H162 1 
HETATM 223 H H163 . I6W B 1 1  ? 21.71223  -10.64953 -7.41907 1.000 33.69756 ? 1   I6W B H163 1 
HETATM 224 H H161 . I6W B 1 1  ? 23.50459  -10.86809 -7.47256 1.000 33.69756 ? 1   I6W B H161 1 
HETATM 225 H H181 . I6W B 1 1  ? 19.46720  -7.86766  -3.73862 1.000 13.56425 ? 1   I6W B H181 1 
HETATM 226 H H191 . I6W B 1 1  ? 16.98876  -7.56680  -3.48796 1.000 12.05830 ? 1   I6W B H191 1 
ATOM   227 N N    . LEU B 1 2  ? 10.02377  -9.28649  -3.96395 1.000 4.35492  ? 2   LEU B N    1 
ATOM   228 C CA   . LEU B 1 2  ? 8.71931   -8.68042  -4.13028 1.000 3.71234  ? 2   LEU B CA   1 
ATOM   229 C C    . LEU B 1 2  ? 8.08811   -8.26886  -2.80065 1.000 3.91848  ? 2   LEU B C    1 
ATOM   230 O O    . LEU B 1 2  ? 7.49148   -7.20089  -2.69485 1.000 4.27555  ? 2   LEU B O    1 
ATOM   231 C CB   . LEU B 1 2  ? 7.79193   -9.64240  -4.87156 1.000 4.58854  ? 2   LEU B CB   1 
ATOM   232 C CG   . LEU B 1 2  ? 6.35988   -9.15193  -5.05522 1.000 4.67231  ? 2   LEU B CG   1 
ATOM   233 C CD1  . LEU B 1 2  ? 6.31626   -7.83712  -5.82995 1.000 5.55181  ? 2   LEU B CD1  1 
ATOM   234 C CD2  . LEU B 1 2  ? 5.56126   -10.23324 -5.76833 1.000 5.66625  ? 2   LEU B CD2  1 
ATOM   235 H H    . LEU B 1 2  ? 10.26976  -9.77690  -4.62265 1.000 5.22590  ? 2   LEU B H    1 
ATOM   236 H HA   . LEU B 1 2  ? 8.82410   -7.87026  -4.65333 1.000 4.45480  ? 2   LEU B HA   1 
ATOM   237 H HB2  . LEU B 1 2  ? 8.15998   -9.80193  -5.75473 1.000 5.50625  ? 2   LEU B HB2  1 
ATOM   238 H HB3  . LEU B 1 2  ? 7.75271   -10.47376 -4.37335 1.000 5.50625  ? 2   LEU B HB3  1 
ATOM   239 H HG   . LEU B 1 2  ? 5.95936   -8.97532  -4.18961 1.000 5.60677  ? 2   LEU B HG   1 
ATOM   240 H HD11 . LEU B 1 2  ? 5.39052   -7.59289  -5.98566 1.000 6.66217  ? 2   LEU B HD11 1 
ATOM   241 H HD12 . LEU B 1 2  ? 6.75680   -7.14831  -5.30808 1.000 6.66217  ? 2   LEU B HD12 1 
ATOM   242 H HD13 . LEU B 1 2  ? 6.77440   -7.95426  -6.67688 1.000 6.66217  ? 2   LEU B HD13 1 
ATOM   243 H HD21 . LEU B 1 2  ? 4.65927   -9.91077  -5.92104 1.000 6.79950  ? 2   LEU B HD21 1 
ATOM   244 H HD22 . LEU B 1 2  ? 5.98850   -10.43444 -6.61561 1.000 6.79950  ? 2   LEU B HD22 1 
ATOM   245 H HD23 . LEU B 1 2  ? 5.53879   -11.02774 -5.21232 1.000 6.79950  ? 2   LEU B HD23 1 
HETATM 246 N N    . AIB B 1 3  ? 8.18085   -9.12879  -1.79883 1.000 4.43553  ? 3   AIB B N    1 
HETATM 247 C CA   . AIB B 1 3  ? 7.54960   -8.88237  -0.52403 1.000 4.61568  ? 3   AIB B CA   1 
HETATM 248 C C    . AIB B 1 3  ? 7.98992   -7.52833  0.06285  1.000 3.93276  ? 3   AIB B C    1 
HETATM 249 O O    . AIB B 1 3  ? 7.18664   -6.68508  0.47855  1.000 4.52802  ? 3   AIB B O    1 
HETATM 250 C CB1  . AIB B 1 3  ? 6.01302   -8.87916  -0.69091 1.000 4.69333  ? 3   AIB B CB1  1 
HETATM 251 C CB2  . AIB B 1 3  ? 7.93663   -9.98894  0.47029  1.000 4.24158  ? 3   AIB B CB2  1 
HETATM 252 H H    . AIB B 1 3  ? 8.36472   -10.10640 -1.91044 1.000 5.32263  ? 3   AIB B H    1 
HETATM 253 H HB11 . AIB B 1 3  ? 5.72526   -8.18250  -1.51390 1.000 5.63199  ? 3   AIB B HB11 1 
HETATM 254 H HB12 . AIB B 1 3  ? 5.65929   -9.90798  -0.93965 1.000 5.63199  ? 3   AIB B HB12 1 
HETATM 255 H HB13 . AIB B 1 3  ? 5.53197   -8.54466  0.25891  1.000 5.63199  ? 3   AIB B HB13 1 
HETATM 256 H HB21 . AIB B 1 3  ? 7.29094   -9.90589  1.37797  1.000 5.08989  ? 3   AIB B HB21 1 
HETATM 257 H HB22 . AIB B 1 3  ? 7.78485   -10.98396 -0.01405 1.000 5.08989  ? 3   AIB B HB22 1 
HETATM 258 H HB23 . AIB B 1 3  ? 9.00962   -9.86471  0.75481  1.000 5.08989  ? 3   AIB B HB23 1 
ATOM   259 N N    . ALA B 1 4  ? 9.30983   -7.33137  0.10962  1.000 4.97468  ? 4   ALA B N    1 
ATOM   260 C CA   . ALA B 1 4  ? 9.89567   -6.08627  0.60128  1.000 5.28086  ? 4   ALA B CA   1 
ATOM   261 C C    . ALA B 1 4  ? 9.51893   -4.88613  -0.27339 1.000 4.85981  ? 4   ALA B C    1 
ATOM   262 O O    . ALA B 1 4  ? 9.34315   -3.77349  0.22722  1.000 6.10589  ? 4   ALA B O    1 
ATOM   263 C CB   . ALA B 1 4  ? 11.42477  -6.22229  0.69530  1.000 7.19186  ? 4   ALA B CB   1 
ATOM   264 H H    . ALA B 1 4  ? 9.89284   -7.91171  -0.14117 1.000 5.96961  ? 4   ALA B H    1 
ATOM   265 H HA   . ALA B 1 4  ? 9.54448   -5.91422  1.48895  1.000 6.33703  ? 4   ALA B HA   1 
ATOM   266 H HB1  . ALA B 1 4  ? 11.78451  -5.44013  1.14220  1.000 8.63023  ? 4   ALA B HB1  1 
ATOM   267 H HB2  . ALA B 1 4  ? 11.64023  -7.02100  1.20178  1.000 8.63023  ? 4   ALA B HB2  1 
ATOM   268 H HB3  . ALA B 1 4  ? 11.79149  -6.28951  -0.20020 1.000 8.63023  ? 4   ALA B HB3  1 
ATOM   269 N N    . THR B 1 5  ? 9.39189   -5.11677  -1.58057 1.000 5.47030  ? 5   THR B N    1 
ATOM   270 C CA   . THR B 1 5  ? 8.96003   -4.05591  -2.48475 1.000 5.18181  ? 5   THR B CA   1 
ATOM   271 C C    . THR B 1 5  ? 7.54369   -3.59868  -2.15446 1.000 4.88792  ? 5   THR B C    1 
ATOM   272 O O    . THR B 1 5  ? 7.26847   -2.39368  -2.08281 1.000 5.90268  ? 5   THR B O    1 
ATOM   273 C CB   . THR B 1 5  ? 9.07842   -4.53751  -3.93117 1.000 6.34580  ? 5   THR B CB   1 
ATOM   274 O OG1  . THR B 1 5  ? 10.46336  -4.73189  -4.25182 1.000 7.79170  ? 5   THR B OG1  1 
ATOM   275 C CG2  . THR B 1 5  ? 8.51442   -3.53498  -4.91091 1.000 7.60097  ? 5   THR B CG2  1 
ATOM   276 H H    . THR B 1 5  ? 9.54802   -5.87058  -1.96398 1.000 6.56436  ? 5   THR B H    1 
ATOM   277 H HA   . THR B 1 5  ? 9.54071   -3.28559  -2.38319 1.000 6.21817  ? 5   THR B HA   1 
ATOM   278 H HB   . THR B 1 5  ? 8.57715   -5.36341  -4.01783 1.000 7.61496  ? 5   THR B HB   1 
ATOM   279 H HG1  . THR B 1 5  ? 10.77414  -5.37276  -3.80651 1.000 9.35004  ? 5   THR B HG1  1 
ATOM   280 H HG21 . THR B 1 5  ? 8.70107   -3.81810  -5.81970 1.000 9.12117  ? 5   THR B HG21 1 
ATOM   281 H HG22 . THR B 1 5  ? 7.55417   -3.46184  -4.79491 1.000 9.12117  ? 5   THR B HG22 1 
ATOM   282 H HG23 . THR B 1 5  ? 8.91653   -2.66466  -4.76346 1.000 9.12117  ? 5   THR B HG23 1 
ATOM   283 N N    . LEU B 1 6  ? 6.63328   -4.54234  -1.93845 1.000 4.55326  ? 6   LEU B N    1 
ATOM   284 C CA   . LEU B 1 6  ? 5.25279   -4.18544  -1.63318 1.000 4.45646  ? 6   LEU B CA   1 
ATOM   285 C C    . LEU B 1 6  ? 5.12761   -3.55549  -0.25274 1.000 4.58153  ? 6   LEU B C    1 
ATOM   286 O O    . LEU B 1 6  ? 4.25845   -2.69964  -0.04685 1.000 4.90746  ? 6   LEU B O    1 
ATOM   287 C CB   . LEU B 1 6  ? 4.34869   -5.40486  -1.73361 1.000 4.90889  ? 6   LEU B CB   1 
ATOM   288 C CG   . LEU B 1 6  ? 4.30202   -6.04170  -3.12279 1.000 5.23882  ? 6   LEU B CG   1 
ATOM   289 C CD1  . LEU B 1 6  ? 3.33411   -7.21140  -3.13125 1.000 5.61046  ? 6   LEU B CD1  1 
ATOM   290 C CD2  . LEU B 1 6  ? 3.94311   -5.05557  -4.20474 1.000 5.87966  ? 6   LEU B CD2  1 
ATOM   291 H H    . LEU B 1 6  ? 6.78852   -5.38787  -1.96274 1.000 5.46392  ? 6   LEU B H    1 
ATOM   292 H HA   . LEU B 1 6  ? 4.95366   -3.53139  -2.28406 1.000 5.34775  ? 6   LEU B HA   1 
ATOM   293 H HB2  . LEU B 1 6  ? 4.66739   -6.07776  -1.11188 1.000 5.89067  ? 6   LEU B HB2  1 
ATOM   294 H HB3  . LEU B 1 6  ? 3.44516   -5.13955  -1.50092 1.000 5.89067  ? 6   LEU B HB3  1 
ATOM   295 H HG   . LEU B 1 6  ? 5.19385   -6.36325  -3.32808 1.000 6.28658  ? 6   LEU B HG   1 
ATOM   296 H HD11 . LEU B 1 6  ? 3.20992   -7.51193  -4.04512 1.000 6.73255  ? 6   LEU B HD11 1 
ATOM   297 H HD12 . LEU B 1 6  ? 3.70250   -7.93004  -2.59390 1.000 6.73255  ? 6   LEU B HD12 1 
ATOM   298 H HD13 . LEU B 1 6  ? 2.48592   -6.92214  -2.76002 1.000 6.73255  ? 6   LEU B HD13 1 
ATOM   299 H HD21 . LEU B 1 6  ? 3.78007   -5.53802  -5.03031 1.000 7.05559  ? 6   LEU B HD21 1 
ATOM   300 H HD22 . LEU B 1 6  ? 3.14417   -4.57333  -3.94012 1.000 7.05559  ? 6   LEU B HD22 1 
ATOM   301 H HD23 . LEU B 1 6  ? 4.67950   -4.43555  -4.32385 1.000 7.05559  ? 6   LEU B HD23 1 
HETATM 302 N N    . AIB B 1 7  ? 5.96661   -3.97737  0.69327  1.000 5.21671  ? 7   AIB B N    1 
HETATM 303 C CA   . AIB B 1 7  ? 5.98726   -3.40385  2.03096  1.000 5.46678  ? 7   AIB B CA   1 
HETATM 304 C C    . AIB B 1 7  ? 6.11579   -1.86628  2.02564  1.000 5.29983  ? 7   AIB B C    1 
HETATM 305 O O    . AIB B 1 7  ? 5.68097   -1.16275  2.93404  1.000 5.00683  ? 7   AIB B O    1 
HETATM 306 C CB1  . AIB B 1 7  ? 4.71276   -3.76351  2.82829  1.000 6.31103  ? 7   AIB B CB1  1 
HETATM 307 C CB2  . AIB B 1 7  ? 7.20304   -3.95758  2.79393  1.000 5.82083  ? 7   AIB B CB2  1 
HETATM 308 H H    . AIB B 1 7  ? 6.38057   -4.88863  0.70880  1.000 6.26005  ? 7   AIB B H    1 
HETATM 309 H HB11 . AIB B 1 7  ? 3.80850   -3.45343  2.25242  1.000 7.57323  ? 7   AIB B HB11 1 
HETATM 310 H HB12 . AIB B 1 7  ? 4.67692   -4.86503  3.00382  1.000 7.57323  ? 7   AIB B HB12 1 
HETATM 311 H HB13 . AIB B 1 7  ? 4.72187   -3.23477  3.81104  1.000 7.57323  ? 7   AIB B HB13 1 
HETATM 312 H HB21 . AIB B 1 7  ? 7.22166   -3.51642  3.81996  1.000 6.98499  ? 7   AIB B HB21 1 
HETATM 313 H HB22 . AIB B 1 7  ? 7.11683   -5.06929  2.86000  1.000 6.98499  ? 7   AIB B HB22 1 
HETATM 314 H HB23 . AIB B 1 7  ? 8.13541   -3.68089  2.24455  1.000 6.98499  ? 7   AIB B HB23 1 
ATOM   315 N N    A GLN B 1 8  ? 6.72480   -1.34453  0.96408  0.407 5.55075  ? 8   GLN B N    1 
ATOM   316 N N    B GLN B 1 8  ? 6.74238   -1.35305  0.96958  0.593 5.61390  ? 8   GLN B N    1 
ATOM   317 C CA   A GLN B 1 8  ? 6.90566   0.09688   0.82858  0.407 5.50311  ? 8   GLN B CA   1 
ATOM   318 C CA   B GLN B 1 8  ? 6.90608   0.08554   0.79071  0.593 5.95956  ? 8   GLN B CA   1 
ATOM   319 C C    A GLN B 1 8  ? 5.58826   0.85607   0.71085  0.407 5.19100  ? 8   GLN B C    1 
ATOM   320 C C    B GLN B 1 8  ? 5.58691   0.84248   0.75336  0.593 4.93889  ? 8   GLN B C    1 
ATOM   321 O O    A GLN B 1 8  ? 5.56690   2.07748   0.86660  0.407 5.78085  ? 8   GLN B O    1 
ATOM   322 O O    B GLN B 1 8  ? 5.56384   2.05135   1.00269  0.593 5.08845  ? 8   GLN B O    1 
ATOM   323 C CB   A GLN B 1 8  ? 7.80142   0.41919   -0.36829 0.407 6.67219  ? 8   GLN B CB   1 
ATOM   324 C CB   B GLN B 1 8  ? 7.67011   0.36916   -0.49612 0.593 8.70588  ? 8   GLN B CB   1 
ATOM   325 C CG   A GLN B 1 8  ? 9.25546   0.11792   -0.11198 0.407 8.56420  ? 8   GLN B CG   1 
ATOM   326 C CG   B GLN B 1 8  ? 9.07581   -0.14206  -0.48087 0.593 10.82253 ? 8   GLN B CG   1 
ATOM   327 C CD   A GLN B 1 8  ? 9.84537   1.02159   0.95645  0.407 10.12151 ? 8   GLN B CD   1 
ATOM   328 C CD   B GLN B 1 8  ? 9.80391   0.18553   -1.76101 0.593 13.14248 ? 8   GLN B CD   1 
ATOM   329 O OE1  A GLN B 1 8  ? 10.15134  2.19096   0.71141  0.407 11.46006 ? 8   GLN B OE1  1 
ATOM   330 O OE1  B GLN B 1 8  ? 9.55858   -0.43160  -2.79787 0.593 15.55953 ? 8   GLN B OE1  1 
ATOM   331 N NE2  A GLN B 1 8  ? 9.98072   0.48757   2.16041  0.407 9.79788  ? 8   GLN B NE2  1 
ATOM   332 N NE2  B GLN B 1 8  ? 10.68460  1.17850   -1.70746 0.593 13.12076 ? 8   GLN B NE2  1 
ATOM   333 H H    A GLN B 1 8  ? 7.04162   -1.80391  0.30971  0.407 6.66090  ? 8   GLN B H    1 
ATOM   334 H H    B GLN B 1 8  ? 7.08518   -1.82277  0.33598  0.593 6.73668  ? 8   GLN B H    1 
ATOM   335 H HA   A GLN B 1 8  ? 7.33903   0.41177   1.63725  0.407 6.60373  ? 8   GLN B HA   1 
ATOM   336 H HA   B GLN B 1 8  ? 7.40460   0.41509   1.55477  0.593 7.15147  ? 8   GLN B HA   1 
ATOM   337 H HB2  A GLN B 1 8  ? 7.51491   -0.11151  -1.12801 0.407 8.00663  ? 8   GLN B HB2  1 
ATOM   338 H HB2  B GLN B 1 8  ? 7.20722   -0.05623  -1.23483 0.593 10.44705 ? 8   GLN B HB2  1 
ATOM   339 H HB3  A GLN B 1 8  ? 7.72309   1.36368   -0.57494 0.407 8.00663  ? 8   GLN B HB3  1 
ATOM   340 H HB3  B GLN B 1 8  ? 7.70433   1.32863   -0.63446 0.593 10.44705 ? 8   GLN B HB3  1 
ATOM   341 H HG2  A GLN B 1 8  ? 9.34286   -0.80091  0.18637  0.407 10.27704 ? 8   GLN B HG2  1 
ATOM   342 H HG2  B GLN B 1 8  ? 9.55685   0.26649   0.25575  0.593 12.98704 ? 8   GLN B HG2  1 
ATOM   343 H HG3  A GLN B 1 8  ? 9.75760   0.24985   -0.93134 0.407 10.27704 ? 8   GLN B HG3  1 
ATOM   344 H HG3  B GLN B 1 8  ? 9.06448   -1.10625  -0.37557 0.593 12.98704 ? 8   GLN B HG3  1 
ATOM   345 H HE21 A GLN B 1 8  ? 9.73985   -0.32623  2.29940  0.407 11.75745 ? 8   GLN B HE21 1 
ATOM   346 H HE21 B GLN B 1 8  ? 10.81514  1.59809   -0.96820 0.593 15.74491 ? 8   GLN B HE21 1 
ATOM   347 H HE22 A GLN B 1 8  ? 10.30951  0.95450   2.80343  0.407 11.75745 ? 8   GLN B HE22 1 
ATOM   348 H HE22 B GLN B 1 8  ? 11.12426  1.40179   -2.41205 0.593 15.74491 ? 8   GLN B HE22 1 
HETATM 349 N N    . AIB B 1 9  ? 4.49181   0.14617   0.46725  1.000 4.31636  ? 9   AIB B N    1 
HETATM 350 C CA   . AIB B 1 9  ? 3.17272   0.75334   0.47188  1.000 4.58122  ? 9   AIB B CA   1 
HETATM 351 C C    . AIB B 1 9  ? 2.93567   1.47940   1.82807  1.000 4.14253  ? 9   AIB B C    1 
HETATM 352 O O    . AIB B 1 9  ? 2.24834   2.49084   1.91453  1.000 4.66474  ? 9   AIB B O    1 
HETATM 353 C CB1  . AIB B 1 9  ? 2.93888   1.71303   -0.71230 1.000 5.15831  ? 9   AIB B CB1  1 
HETATM 354 C CB2  . AIB B 1 9  ? 2.13229   -0.37130  0.41030  1.000 4.69690  ? 9   AIB B CB2  1 
HETATM 355 H H    . AIB B 1 9  ? 4.41423   -0.84686  0.56667  1.000 5.17963  ? 9   AIB B H    1 
HETATM 356 H HB11 . AIB B 1 9  ? 3.15173   1.18516   -1.67225 1.000 6.18997  ? 9   AIB B HB11 1 
HETATM 357 H HB12 . AIB B 1 9  ? 1.87842   2.06070   -0.71126 1.000 6.18997  ? 9   AIB B HB12 1 
HETATM 358 H HB13 . AIB B 1 9  ? 3.61528   2.59593   -0.62047 1.000 6.18997  ? 9   AIB B HB13 1 
HETATM 359 H HB21 . AIB B 1 9  ? 2.31069   -0.98344  -0.50684 1.000 5.63628  ? 9   AIB B HB21 1 
HETATM 360 H HB22 . AIB B 1 9  ? 2.23308   -1.01169  1.31993  1.000 5.63628  ? 9   AIB B HB22 1 
HETATM 361 H HB23 . AIB B 1 9  ? 1.11055   0.07862   0.37386  1.000 5.63628  ? 9   AIB B HB23 1 
ATOM   362 N N    A LEU B 1 10 ? 3.53882   0.92542   2.88720  0.578 3.99659  ? 10  LEU B N    1 
ATOM   363 N N    B LEU B 1 10 ? 3.53930   0.93508   2.88266  0.422 4.48527  ? 10  LEU B N    1 
ATOM   364 C CA   A LEU B 1 10 ? 3.36077   1.42382   4.25752  0.578 3.90269  ? 10  LEU B CA   1 
ATOM   365 C CA   B LEU B 1 10 ? 3.34724   1.42867   4.24358  0.422 4.89742  ? 10  LEU B CA   1 
ATOM   366 C C    A LEU B 1 10 ? 4.37336   2.48742   4.65882  0.578 3.93055  ? 10  LEU B C    1 
ATOM   367 C C    B LEU B 1 10 ? 4.18689   2.66959   4.53384  0.422 4.92520  ? 10  LEU B C    1 
ATOM   368 O O    A LEU B 1 10 ? 4.26344   3.13153   5.70179  0.578 4.17518  ? 10  LEU B O    1 
ATOM   369 O O    B LEU B 1 10 ? 4.48991   2.98037   5.69007  0.422 5.66565  ? 10  LEU B O    1 
ATOM   370 C CB   A LEU B 1 10 ? 3.45702   0.27762   5.27054  0.578 3.78365  ? 10  LEU B CB   1 
ATOM   371 C CB   B LEU B 1 10 ? 3.71911   0.32459   5.23173  0.422 5.32459  ? 10  LEU B CB   1 
ATOM   372 C CG   A LEU B 1 10 ? 2.18459   -0.53347  5.50606  0.578 4.40140  ? 10  LEU B CG   1 
ATOM   373 C CG   B LEU B 1 10 ? 2.90599   -0.96727  5.13004  0.422 5.79405  ? 10  LEU B CG   1 
ATOM   374 C CD1  A LEU B 1 10 ? 1.79088   -1.31094  4.26412  0.578 5.88142  ? 10  LEU B CD1  1 
ATOM   375 C CD1  B LEU B 1 10 ? 2.94114   -1.68811  6.46066  0.422 6.55256  ? 10  LEU B CD1  1 
ATOM   376 C CD2  A LEU B 1 10 ? 2.36582   -1.46989  6.67411  0.578 5.93720  ? 10  LEU B CD2  1 
ATOM   377 C CD2  B LEU B 1 10 ? 1.45329   -0.72503  4.72007  0.422 6.04384  ? 10  LEU B CD2  1 
ATOM   378 H H    A LEU B 1 10 ? 4.06574   0.24754   2.83784  0.578 4.79591  ? 10  LEU B H    1 
ATOM   379 H H    B LEU B 1 10 ? 4.07614   0.26489   2.83514  0.422 5.38233  ? 10  LEU B H    1 
ATOM   380 H HA   A LEU B 1 10 ? 2.47907   1.82720   4.28559  0.578 4.68323  ? 10  LEU B HA   1 
ATOM   381 H HA   B LEU B 1 10 ? 2.41691   1.67839   4.35769  0.422 5.87691  ? 10  LEU B HA   1 
ATOM   382 H HB2  A LEU B 1 10 ? 4.13606   -0.34148  4.95986  0.578 4.54038  ? 10  LEU B HB2  1 
ATOM   383 H HB2  B LEU B 1 10 ? 4.64942   0.09060   5.08786  0.422 6.38950  ? 10  LEU B HB2  1 
ATOM   384 H HB3  A LEU B 1 10 ? 3.71743   0.65385   6.12583  0.578 4.54038  ? 10  LEU B HB3  1 
ATOM   385 H HB3  B LEU B 1 10 ? 3.59896   0.66973   6.13026  0.422 6.38950  ? 10  LEU B HB3  1 
ATOM   386 H HG   A LEU B 1 10 ? 1.46225   0.08045   5.71154  0.578 5.28168  ? 10  LEU B HG   1 
ATOM   387 H HG   B LEU B 1 10 ? 3.30520   -1.51507  4.43617  0.422 6.95286  ? 10  LEU B HG   1 
ATOM   388 H HD11 A LEU B 1 10 ? 1.11151   -1.96153  4.50096  0.578 7.05771  ? 10  LEU B HD11 1 
ATOM   389 H HD11 B LEU B 1 10 ? 3.86528   -1.81655  6.72592  0.422 7.86307  ? 10  LEU B HD11 1 
ATOM   390 H HD12 A LEU B 1 10 ? 1.44133   -0.69357  3.60263  0.578 7.05771  ? 10  LEU B HD12 1 
ATOM   391 H HD12 B LEU B 1 10 ? 2.47845   -1.15129  7.12295  0.422 7.86307  ? 10  LEU B HD12 1 
ATOM   392 H HD13 A LEU B 1 10 ? 2.57396   -1.76324  3.91322  0.578 7.05771  ? 10  LEU B HD13 1 
ATOM   393 H HD13 B LEU B 1 10 ? 2.50169   -2.54765  6.36590  0.422 7.86307  ? 10  LEU B HD13 1 
ATOM   394 H HD21 A LEU B 1 10 ? 2.57347   -0.95009  7.46632  0.578 7.12465  ? 10  LEU B HD21 1 
ATOM   395 H HD21 B LEU B 1 10 ? 1.42848   -0.45868  3.78769  0.422 7.25261  ? 10  LEU B HD21 1 
ATOM   396 H HD22 A LEU B 1 10 ? 1.54421   -1.96709  6.81069  0.578 7.12465  ? 10  LEU B HD22 1 
ATOM   397 H HD22 B LEU B 1 10 ? 0.94945   -1.54469  4.84345  0.422 7.25261  ? 10  LEU B HD22 1 
ATOM   398 H HD23 A LEU B 1 10 ? 3.09362   -2.08078  6.47916  0.578 7.12465  ? 10  LEU B HD23 1 
ATOM   399 H HD23 B LEU B 1 10 ? 1.08163   -0.02161  5.27502  0.422 7.25261  ? 10  LEU B HD23 1 
HETATM 400 C C11  . I77 B 1 11 ? 8.65422   5.33761   3.26466  1.000 5.31059  ? 11  I77 B C11  1 
HETATM 401 C C12  . I77 B 1 11 ? 7.40375   5.91929   3.49752  1.000 5.14616  ? 11  I77 B C12  1 
HETATM 402 C C13  . I77 B 1 11 ? 6.12399   5.12946   3.57486  1.000 4.60546  ? 11  I77 B C13  1 
HETATM 403 C C17  . I77 B 1 11 ? 7.29608   7.29088   3.51917  1.000 6.24114  ? 11  I77 B C17  1 
HETATM 404 C C18  . I77 B 1 11 ? 8.42126   8.05723   3.37871  1.000 5.38325  ? 11  I77 B C18  1 
HETATM 405 C C02  . I77 B 1 11 ? 14.15650  10.84314  2.21451  1.000 4.77071  ? 11  I77 B C02  1 
HETATM 406 C C03  . I77 B 1 11 ? 12.96287  9.91061   2.48413  1.000 5.03384  ? 11  I77 B C03  1 
HETATM 407 C C04  . I77 B 1 11 ? 13.08671  8.54667   2.26018  1.000 5.17085  ? 11  I77 B C04  1 
HETATM 408 C C05  . I77 B 1 11 ? 11.99756  7.73040   2.52030  1.000 5.00386  ? 11  I77 B C05  1 
HETATM 409 C C06  . I77 B 1 11 ? 11.76833  10.42272  2.94357  1.000 5.76122  ? 11  I77 B C06  1 
HETATM 410 C C08  . I77 B 1 11 ? 10.84091  8.31097   2.99126  1.000 4.90599  ? 11  I77 B C08  1 
HETATM 411 C C09  . I77 B 1 11 ? 9.63434   7.43192   3.19350  1.000 4.51240  ? 11  I77 B C09  1 
HETATM 412 N N01  . I77 B 1 11 ? 15.31148  10.17527  1.71440  1.000 4.40108  ? 11  I77 B N01  1 
HETATM 413 N N07  . I77 B 1 11 ? 10.74036  9.61510   3.16193  1.000 6.32184  ? 11  I77 B N07  1 
HETATM 414 N N10  . I77 B 1 11 ? 9.72449   6.11101   3.11741  1.000 5.56821  ? 11  I77 B N10  1 
HETATM 415 N N14  . I77 B 1 11 ? 6.33113   3.72337   3.69320  1.000 5.72366  ? 11  I77 B N14  1 
HETATM 416 N N15  . I77 B 1 11 ? 5.25523   2.85376   3.60824  1.000 4.96878  ? 11  I77 B N15  1 
HETATM 417 O O16  . I77 B 1 11 ? 5.05793   5.63572   3.43338  1.000 5.71254  ? 11  I77 B O16  1 
HETATM 418 O O19  . I77 B 1 11 ? 14.12748  12.02568  2.37263  1.000 6.17121  ? 11  I77 B O19  1 
HETATM 419 H H111 . I77 B 1 11 ? 8.74949   4.26449   3.20480  1.000 6.37271  ? 11  I77 B H111 1 
HETATM 420 H H171 . I77 B 1 11 ? 6.32220   7.76340   3.64719  1.000 7.48937  ? 11  I77 B H171 1 
HETATM 421 H H181 . I77 B 1 11 ? 8.35856   9.14289   3.41281  1.000 6.45990  ? 11  I77 B H181 1 
HETATM 422 H H041 . I77 B 1 11 ? 14.00718  8.13263   1.89306  1.000 6.20503  ? 11  I77 B H041 1 
HETATM 423 H H051 . I77 B 1 11 ? 12.05438  6.66127   2.35716  1.000 6.00464  ? 11  I77 B H051 1 
HETATM 424 H H061 . I77 B 1 11 ? 11.66995  11.48368  3.12589  1.000 6.91347  ? 11  I77 B H061 1 
HETATM 425 H H011 . I77 B 1 11 ? 15.31619  9.18980   1.57227  1.000 5.28130  ? 11  I77 B H011 1 
HETATM 426 H H012 . I77 B 1 11 ? 16.14827  10.70066  1.50550  1.000 5.28130  ? 11  I77 B H012 1 
HETATM 427 H H141 . I77 B 1 11 ? 7.25877   3.36223   3.83845  1.000 6.86839  ? 11  I77 B H141 1 
HETATM 428 H H1   . I77 B 1 11 ? 4.56133   3.26132   3.00253  1.000 5.96254  ? 11  I77 B H1   1 
HETATM 429 O O    . HOH C 2 .  ? -15.77387 -12.86071 4.76412  1.000 5.66658  ? 101 HOH A O    1 
HETATM 430 O O    . HOH C 2 .  ? -7.80799  -2.18637  2.78519  1.000 22.22042 ? 102 HOH A O    1 
HETATM 431 O O    . HOH C 2 .  ? -15.35760 -8.95233  3.95287  1.000 29.94843 ? 103 HOH A O    1 
HETATM 432 O O    . HOH C 2 .  ? -10.68163 -0.87312  4.22802  1.000 39.44908 ? 104 HOH A O    1 
HETATM 433 O O    . HOH C 2 .  ? -14.24753 -15.09981 3.96253  1.000 15.11360 ? 105 HOH A O    1 
HETATM 434 O O    . HOH C 2 .  ? -13.72260 -14.07852 1.23354  1.000 12.99187 ? 106 HOH A O    1 
HETATM 435 O O    . HOH C 2 .  ? -9.14753  0.48925   -5.09969 1.000 39.86086 ? 107 HOH A O    1 
HETATM 436 O O    . HOH C 2 .  ? -15.69353 4.62797   -4.70581 1.000 36.97791 ? 108 HOH A O    1 
HETATM 437 O O    . HOH C 2 .  ? -17.25884 -9.89282  3.91268  1.000 29.16783 ? 109 HOH A O    1 
HETATM 438 O O    . HOH D 2 .  ? 10.29501  -2.04660  2.48335  1.000 32.72844 ? 101 HOH B O    1 
HETATM 439 O O    . HOH D 2 .  ? 17.52767  11.33096  0.76540  1.000 6.46849  ? 102 HOH B O    1 
# 
loop_
_atom_site_anisotrop.id 
_atom_site_anisotrop.type_symbol 
_atom_site_anisotrop.pdbx_label_atom_id 
_atom_site_anisotrop.pdbx_label_alt_id 
_atom_site_anisotrop.pdbx_label_comp_id 
_atom_site_anisotrop.pdbx_label_asym_id 
_atom_site_anisotrop.pdbx_label_seq_id 
_atom_site_anisotrop.pdbx_PDB_ins_code 
_atom_site_anisotrop.U[1][1] 
_atom_site_anisotrop.U[2][2] 
_atom_site_anisotrop.U[3][3] 
_atom_site_anisotrop.U[1][2] 
_atom_site_anisotrop.U[1][3] 
_atom_site_anisotrop.U[2][3] 
_atom_site_anisotrop.pdbx_auth_seq_id 
_atom_site_anisotrop.pdbx_auth_comp_id 
_atom_site_anisotrop.pdbx_auth_asym_id 
_atom_site_anisotrop.pdbx_auth_atom_id 
1   C C05 . I6W A 1  ? 0.04220 0.07527 0.05645 -0.00519 0.00349  -0.00092 1   I6W A C05 
2   C C08 . I6W A 1  ? 0.03502 0.09006 0.05806 -0.00466 0.00073  0.00626  1   I6W A C08 
3   C C09 . I6W A 1  ? 0.03754 0.10217 0.09947 -0.00327 0.00365  0.00771  1   I6W A C09 
4   N N10 . I6W A 1  ? 0.04684 0.11445 0.17786 -0.00529 0.01330  -0.01051 1   I6W A N10 
5   C C02 . I6W A 1  ? 0.03956 0.07470 0.07573 0.00446  0.00635  0.00286  1   I6W A C02 
6   C C03 . I6W A 1  ? 0.04042 0.08091 0.05708 -0.00118 0.00306  0.00537  1   I6W A C03 
7   C C04 . I6W A 1  ? 0.04557 0.07740 0.05025 -0.00469 0.00227  -0.00601 1   I6W A C04 
8   C C06 . I6W A 1  ? 0.04032 0.08621 0.07434 -0.00587 0.00326  0.00109  1   I6W A C06 
9   C C11 . I6W A 1  ? 0.04855 0.12714 0.17914 -0.00651 0.01732  -0.01120 1   I6W A C11 
10  C C12 . I6W A 1  ? 0.04001 0.13440 0.15144 -0.00950 0.00818  -0.00579 1   I6W A C12 
11  C C13 . I6W A 1  ? 0.06914 0.15527 0.24867 -0.01565 0.02089  -0.02869 1   I6W A C13 
12  C C15 . I6W A 1  ? 0.11951 0.18109 0.41184 -0.02265 0.04619  -0.07004 1   I6W A C15 
13  C C16 . I6W A 1  ? 0.13436 0.19062 0.46374 -0.02376 0.05398  -0.07406 1   I6W A C16 
14  C C18 . I6W A 1  ? 0.04279 0.12284 0.09023 -0.01189 0.01869  -0.00809 1   I6W A C18 
15  C C19 . I6W A 1  ? 0.04266 0.11150 0.08866 -0.00782 0.02093  0.00509  1   I6W A C19 
16  N N07 . I6W A 1  ? 0.03874 0.07887 0.08219 -0.00453 -0.00406 0.01336  1   I6W A N07 
17  O O01 . I6W A 1  ? 0.04477 0.06554 0.09268 0.01172  0.00887  0.00660  1   I6W A O01 
18  O O14 . I6W A 1  ? 0.10584 0.17160 0.34700 -0.02274 0.04953  -0.06148 1   I6W A O14 
19  O O17 . I6W A 1  ? 0.07535 0.15432 0.26809 -0.01787 0.02194  -0.03575 1   I6W A O17 
31  N N   . LEU A 2  ? 0.03550 0.06379 0.08956 0.00635  0.01048  0.00606  2   LEU A N   
32  C CA  . LEU A 2  ? 0.03294 0.06292 0.08437 0.01090  0.01461  0.00552  2   LEU A CA  
33  C C   . LEU A 2  ? 0.03833 0.06658 0.06402 0.01410  0.02181  0.00077  2   LEU A C   
34  O O   . LEU A 2  ? 0.04269 0.06774 0.07840 0.01179  0.01344  0.00612  2   LEU A O   
35  C CB  . LEU A 2  ? 0.03374 0.07249 0.08048 0.00938  0.00816  0.00724  2   LEU A CB  
36  C CG  . LEU A 2  ? 0.04882 0.07597 0.08878 0.00840  0.01313  0.00279  2   LEU A CG  
37  C CD1 . LEU A 2  ? 0.06199 0.08258 0.09742 0.00967  0.02221  0.00547  2   LEU A CD1 
38  C CD2 . LEU A 2  ? 0.05356 0.07432 0.08736 0.00594  0.01999  0.00330  2   LEU A CD2 
50  N N   . AIB A 3  ? 0.03632 0.06808 0.08517 0.02053  0.01014  0.00649  3   AIB A N   
51  C CA  . AIB A 3  ? 0.04615 0.06926 0.09324 0.02473  -0.00043 0.00038  3   AIB A CA  
52  C C   . AIB A 3  ? 0.05430 0.06735 0.06994 0.02936  -0.00292 0.00387  3   AIB A C   
53  O O   . AIB A 3  ? 0.05960 0.07868 0.08715 0.03394  0.00906  -0.00257 3   AIB A O   
54  C CB1 . AIB A 3  ? 0.04606 0.07166 0.11433 0.02128  -0.00165 0.00379  3   AIB A CB1 
55  C CB2 . AIB A 3  ? 0.06453 0.07384 0.10270 0.01667  0.01086  -0.02935 3   AIB A CB2 
63  N N   . ALA A 4  ? 0.05978 0.07811 0.10134 0.02693  0.01290  0.00243  4   ALA A N   
64  C CA  . ALA A 4  ? 0.07120 0.08461 0.09558 0.01794  0.02573  0.00919  4   ALA A CA  
65  C C   . ALA A 4  ? 0.06461 0.07472 0.10055 0.01371  0.01682  0.01059  4   ALA A C   
66  O O   . ALA A 4  ? 0.07249 0.06793 0.11749 0.01226  0.01213  0.00848  4   ALA A O   
67  C CB  . ALA A 4  ? 0.08994 0.10138 0.14031 0.01210  0.06144  -0.00259 4   ALA A CB  
73  N N   . THR A 5  ? 0.04807 0.07826 0.10419 0.01299  0.01334  0.00076  5   THR A N   
74  C CA  . THR A 5  ? 0.04484 0.08349 0.10223 0.00649  0.01748  -0.00887 5   THR A CA  
75  C C   . THR A 5  ? 0.03325 0.07423 0.08958 0.00614  0.00236  -0.01349 5   THR A C   
76  O O   . THR A 5  ? 0.04174 0.06715 0.12342 0.00851  0.00382  -0.00536 5   THR A O   
77  C CB  . THR A 5  ? 0.04535 0.10289 0.09458 0.00899  0.00148  0.00957  5   THR A CB  
78  O OG1 . THR A 5  ? 0.04575 0.11949 0.11613 0.00838  -0.00789 0.00425  5   THR A OG1 
79  C CG2 . THR A 5  ? 0.05935 0.11129 0.14244 0.00676  0.01219  0.02364  5   THR A CG2 
87  N N   . LEU A 6  ? 0.02921 0.06090 0.09865 0.00540  0.01080  -0.01309 6   LEU A N   
88  C CA  . LEU A 6  ? 0.03879 0.05320 0.08470 0.00337  0.02276  -0.01908 6   LEU A CA  
89  C C   . LEU A 6  ? 0.03962 0.04873 0.08157 0.01010  0.02180  -0.00783 6   LEU A C   
90  O O   . LEU A 6  ? 0.03906 0.05067 0.10665 0.01236  0.01952  0.00264  6   LEU A O   
91  C CB  . LEU A 6  ? 0.03601 0.04822 0.08916 0.00434  0.00472  -0.00733 6   LEU A CB  
92  C CG  . LEU A 6  ? 0.04559 0.06292 0.09938 -0.00084 0.00462  0.00699  6   LEU A CG  
93  C CD1 . LEU A 6  ? 0.05419 0.06916 0.12583 -0.00464 0.01614  0.01899  6   LEU A CD1 
94  C CD2 . LEU A 6  ? 0.06307 0.07260 0.08236 -0.00820 0.01791  -0.00801 6   LEU A CD2 
106 N N   . AIB A 7  ? 0.03649 0.05267 0.09437 0.01379  0.00494  0.00682  7   AIB A N   
107 C CA  . AIB A 7  ? 0.04604 0.05343 0.09716 0.01240  0.01154  0.00505  7   AIB A CA  
108 C C   . AIB A 7  ? 0.02908 0.05920 0.06237 0.00862  0.00572  0.00890  7   AIB A C   
109 O O   . AIB A 7  ? 0.03175 0.05763 0.08413 0.00219  0.01776  -0.00067 7   AIB A O   
110 C CB1 . AIB A 7  ? 0.05443 0.06010 0.09891 0.00291  0.00383  -0.02068 7   AIB A CB1 
111 C CB2 . AIB A 7  ? 0.04926 0.06055 0.08039 0.01578  -0.00390 0.00068  7   AIB A CB2 
119 N N   . GLN A 8  ? 0.04088 0.05205 0.06804 0.00294  0.00158  0.00372  8   GLN A N   
120 C CA  . GLN A 8  ? 0.04518 0.05920 0.07539 0.00358  0.00990  -0.00008 8   GLN A CA  
121 C C   . GLN A 8  ? 0.04143 0.05789 0.07018 0.00706  0.00120  0.01144  8   GLN A C   
122 O O   . GLN A 8  ? 0.04770 0.06793 0.07494 0.00534  -0.00171 0.01299  8   GLN A O   
123 C CB  . GLN A 8  ? 0.04430 0.06658 0.10477 0.00405  0.00973  0.00749  8   GLN A CB  
124 C CG  . GLN A 8  ? 0.04692 0.06952 0.14846 0.00947  0.02051  0.01173  8   GLN A CG  
125 C CD  . GLN A 8  ? 0.06967 0.08167 0.16535 0.01091  0.05025  0.02174  8   GLN A CD  
126 O OE1 . GLN A 8  ? 0.08303 0.09188 0.19739 0.00473  0.06042  0.02010  8   GLN A OE1 
127 N NE2 . GLN A 8  ? 0.09248 0.08663 0.16499 0.00668  0.06753  0.01560  8   GLN A NE2 
136 N N   . AIB A 9  ? 0.03019 0.06370 0.05793 0.00631  0.01126  -0.00624 9   AIB A N   
137 C CA  . AIB A 9  ? 0.04026 0.06676 0.08143 0.00989  0.01114  -0.00377 9   AIB A CA  
138 C C   . AIB A 9  ? 0.04725 0.06480 0.08803 0.01595  0.01333  -0.00973 9   AIB A C   
139 O O   . AIB A 9  ? 0.05650 0.07432 0.10875 0.02509  0.01598  0.00014  9   AIB A O   
140 C CB1 . AIB A 9  ? 0.04834 0.07527 0.08999 0.00644  0.01547  -0.01681 9   AIB A CB1 
141 C CB2 . AIB A 9  ? 0.04910 0.07196 0.09891 0.00184  0.03296  0.00166  9   AIB A CB2 
149 N N   . LEU A 10 ? 0.03835 0.06346 0.09894 0.01677  0.00204  0.00486  10  LEU A N   
150 C CA  . LEU A 10 ? 0.03909 0.07019 0.09453 0.01231  0.00155  -0.00108 10  LEU A CA  
151 C C   . LEU A 10 ? 0.04854 0.07104 0.09619 0.00536  0.00922  -0.01689 10  LEU A C   
152 O O   . LEU A 10 ? 0.04551 0.06982 0.09336 0.01350  0.01180  -0.00881 10  LEU A O   
153 C CB  . LEU A 10 ? 0.05105 0.07994 0.09758 0.00193  0.01240  -0.00084 10  LEU A CB  
154 C CG  . LEU A 10 ? 0.05524 0.08745 0.10640 -0.00436 0.00013  0.01050  10  LEU A CG  
155 C CD1 . LEU A 10 ? 0.05904 0.08774 0.10652 -0.00767 0.02300  0.01257  10  LEU A CD1 
156 C CD2 . LEU A 10 ? 0.07103 0.09176 0.11375 -0.01494 0.01514  0.00596  10  LEU A CD2 
168 C C11 . I77 A 11 ? 0.06324 0.11909 0.08863 -0.01844 0.01190  0.00118  11  I77 A C11 
169 C C12 . I77 A 11 ? 0.05299 0.10781 0.10250 -0.01067 0.00776  -0.00339 11  I77 A C12 
170 C C13 . I77 A 11 ? 0.04393 0.09623 0.10365 -0.00439 -0.00059 0.00216  11  I77 A C13 
171 C C17 . I77 A 11 ? 0.06488 0.09156 0.12270 -0.01236 -0.00237 0.01973  11  I77 A C17 
172 C C18 . I77 A 11 ? 0.07809 0.08989 0.10655 -0.01775 -0.00319 0.01950  11  I77 A C18 
173 C C02 . I77 A 11 ? 0.13884 0.15194 0.15963 -0.04242 0.02029  -0.04423 11  I77 A C02 
174 C C03 . I77 A 11 ? 0.13007 0.14714 0.10861 -0.03681 0.02084  -0.02491 11  I77 A C03 
175 C C04 . I77 A 11 ? 0.12168 0.13330 0.12148 -0.02839 0.00642  0.00574  11  I77 A C04 
176 C C05 . I77 A 11 ? 0.10637 0.12497 0.09510 -0.02157 -0.01178 0.00915  11  I77 A C05 
177 C C06 . I77 A 11 ? 0.13510 0.14163 0.15729 -0.03966 0.04302  -0.01840 11  I77 A C06 
178 C C08 . I77 A 11 ? 0.11280 0.12086 0.09669 -0.02608 0.01009  0.00819  11  I77 A C08 
179 C C09 . I77 A 11 ? 0.08999 0.10579 0.09496 -0.01953 -0.00645 0.02526  11  I77 A C09 
180 N N01 . I77 A 11 ? 0.12774 0.14354 0.25749 -0.03337 0.00045  -0.03302 11  I77 A N01 
181 N N07 . I77 A 11 ? 0.13170 0.12864 0.16989 -0.03769 0.03155  -0.00535 11  I77 A N07 
182 N N10 . I77 A 11 ? 0.07501 0.12153 0.09094 -0.01960 -0.00046 0.01143  11  I77 A N10 
183 N N14 . I77 A 11 ? 0.06130 0.07886 0.10118 -0.00633 0.01272  0.00437  11  I77 A N14 
184 N N15 . I77 A 11 ? 0.06644 0.06925 0.10007 -0.00588 0.01736  -0.00418 11  I77 A N15 
185 O O16 . I77 A 11 ? 0.04295 0.10989 0.14710 -0.01443 0.00199  -0.01563 11  I77 A O16 
186 O O19 . I77 A 11 ? 0.14574 0.16342 0.22940 -0.04787 0.03028  -0.04806 11  I77 A O19 
197 C C05 . I6W B 1  ? 0.03492 0.09218 0.08050 0.01636  0.01583  0.01883  1   I6W B C05 
198 C C08 . I6W B 1  ? 0.03332 0.09531 0.06479 0.01805  0.00947  0.02217  1   I6W B C08 
199 C C09 . I6W B 1  ? 0.04199 0.12252 0.09821 0.01769  0.01771  0.02186  1   I6W B C09 
200 N N10 . I6W B 1  ? 0.07165 0.14796 0.25673 0.01700  0.02443  0.01780  1   I6W B N10 
201 C C02 . I6W B 1  ? 0.02595 0.06869 0.05238 0.01038  0.01312  -0.00546 1   I6W B C02 
202 C C03 . I6W B 1  ? 0.02470 0.08015 0.05227 0.01251  0.00656  0.00043  1   I6W B C03 
203 C C04 . I6W B 1  ? 0.03016 0.08553 0.07225 0.01519  0.01332  0.00720  1   I6W B C04 
204 C C06 . I6W B 1  ? 0.03056 0.08821 0.05807 0.00791  0.01590  -0.00193 1   I6W B C06 
205 C C11 . I6W B 1  ? 0.08381 0.16201 0.31450 0.01576  0.01902  0.02103  1   I6W B C11 
206 C C12 . I6W B 1  ? 0.07944 0.18085 0.28786 0.01361  0.02967  0.02254  1   I6W B C12 
207 C C13 . I6W B 1  ? 0.11299 0.20865 0.41909 0.00704  0.04331  0.02080  1   I6W B C13 
208 C C15 . I6W B 1  ? 0.17610 0.23613 0.57987 -0.00978 0.10153  -0.00118 1   I6W B C15 
209 C C16 . I6W B 1  ? 0.19265 0.24005 0.63426 -0.01318 0.10963  -0.00385 1   I6W B C16 
210 C C18 . I6W B 1  ? 0.05788 0.16802 0.20359 0.01305  0.02200  0.01721  1   I6W B C18 
211 C C19 . I6W B 1  ? 0.05157 0.15319 0.17705 0.01225  0.02295  0.01058  1   I6W B C19 
212 N N07 . I6W B 1  ? 0.03186 0.09897 0.06818 0.01214  0.01409  0.00409  1   I6W B N07 
213 O O01 . I6W B 1  ? 0.02947 0.06441 0.08131 0.00430  0.00851  -0.01877 1   I6W B O01 
214 O O14 . I6W B 1  ? 0.15090 0.22566 0.52090 -0.00308 0.07966  0.00297  1   I6W B O14 
215 O O17 . I6W B 1  ? 0.10738 0.21394 0.40561 0.01063  0.02973  0.03787  1   I6W B O17 
227 N N   . LEU B 2  ? 0.02830 0.06431 0.07286 0.00797  0.01589  -0.00333 2   LEU B N   
228 C CA  . LEU B 2  ? 0.02745 0.06077 0.05283 0.01106  0.00731  0.01068  2   LEU B CA  
229 C C   . LEU B 2  ? 0.03252 0.05659 0.05978 0.00645  0.01251  0.00524  2   LEU B C   
230 O O   . LEU B 2  ? 0.03200 0.06313 0.06731 0.00800  0.00952  0.00211  2   LEU B O   
231 C CB  . LEU B 2  ? 0.02858 0.07583 0.06995 0.00526  0.01045  -0.00619 2   LEU B CB  
232 C CG  . LEU B 2  ? 0.02518 0.08194 0.07041 0.00529  0.00423  -0.01180 2   LEU B CG  
233 C CD1 . LEU B 2  ? 0.04719 0.07555 0.08821 0.00246  -0.00391 -0.01078 2   LEU B CD1 
234 C CD2 . LEU B 2  ? 0.02570 0.09093 0.09867 0.00105  -0.00462 -0.00519 2   LEU B CD2 
246 N N   . AIB B 3  ? 0.03699 0.05979 0.07174 0.00347  0.01808  -0.00959 3   AIB B N   
247 C CA  . AIB B 3  ? 0.03397 0.06054 0.08086 0.00598  0.01816  -0.01062 3   AIB B CA  
248 C C   . AIB B 3  ? 0.02839 0.06413 0.05691 0.01138  0.00172  -0.00632 3   AIB B C   
249 O O   . AIB B 3  ? 0.03364 0.06421 0.07419 0.01478  0.00412  -0.01638 3   AIB B O   
250 C CB1 . AIB B 3  ? 0.02895 0.06341 0.08596 0.00646  0.01733  -0.00434 3   AIB B CB1 
251 C CB2 . AIB B 3  ? 0.03210 0.05629 0.07277 0.00856  0.00610  -0.00902 3   AIB B CB2 
259 N N   . ALA B 4  ? 0.03331 0.07057 0.08512 0.00810  0.00320  -0.01060 4   ALA B N   
260 C CA  . ALA B 4  ? 0.03388 0.07536 0.09142 0.00750  -0.00440 -0.01222 4   ALA B CA  
261 C C   . ALA B 4  ? 0.03097 0.07577 0.07792 0.01236  0.00994  -0.01376 4   ALA B C   
262 O O   . ALA B 4  ? 0.05265 0.06861 0.11074 0.00790  0.01873  -0.03049 4   ALA B O   
263 C CB  . ALA B 4  ? 0.04580 0.07535 0.15211 0.00142  -0.02049 -0.02956 4   ALA B CB  
269 N N   . THR B 5  ? 0.03167 0.07517 0.10101 0.01054  0.01052  -0.01350 5   THR B N   
270 C CA  . THR B 5  ? 0.03524 0.07366 0.08798 0.01651  0.01044  0.00068  5   THR B CA  
271 C C   . THR B 5  ? 0.03321 0.06810 0.08441 0.01655  0.00295  0.00814  5   THR B C   
272 O O   . THR B 5  ? 0.04209 0.06562 0.11657 0.01365  0.01017  0.01366  5   THR B O   
273 C CB  . THR B 5  ? 0.05208 0.07925 0.10978 0.01257  0.03578  -0.00009 5   THR B CB  
274 O OG1 . THR B 5  ? 0.06896 0.08839 0.13870 0.00761  0.05105  0.00591  5   THR B OG1 
275 C CG2 . THR B 5  ? 0.06421 0.08631 0.13827 0.00856  0.03471  0.00143  5   THR B CG2 
283 N N   . LEU B 6  ? 0.03049 0.06315 0.07936 0.01772  0.01041  0.00833  6   LEU B N   
284 C CA  . LEU B 6  ? 0.02979 0.06601 0.07353 0.01629  0.01450  0.00151  6   LEU B CA  
285 C C   . LEU B 6  ? 0.03077 0.06445 0.07886 0.01549  0.01544  0.00366  6   LEU B C   
286 O O   . LEU B 6  ? 0.03736 0.05966 0.08944 0.01535  0.01553  -0.01187 6   LEU B O   
287 C CB  . LEU B 6  ? 0.03319 0.07015 0.08318 0.01425  0.01367  0.00129  6   LEU B CB  
288 C CG  . LEU B 6  ? 0.03352 0.07980 0.08573 0.01415  0.00400  -0.00165 6   LEU B CG  
289 C CD1 . LEU B 6  ? 0.03689 0.08515 0.09114 0.00831  -0.00215 -0.00058 6   LEU B CD1 
290 C CD2 . LEU B 6  ? 0.04389 0.07818 0.10133 0.01382  0.00305  -0.01136 6   LEU B CD2 
302 N N   . AIB B 7  ? 0.04310 0.06015 0.09497 0.01358  0.02226  0.00248  7   AIB B N   
303 C CA  . AIB B 7  ? 0.05125 0.07065 0.08582 0.01089  0.01933  0.00040  7   AIB B CA  
304 C C   . AIB B 7  ? 0.03969 0.07272 0.08895 0.00956  0.01552  -0.01068 7   AIB B C   
305 O O   . AIB B 7  ? 0.03757 0.07202 0.08065 0.01020  0.01076  -0.00574 7   AIB B O   
306 C CB1 . AIB B 7  ? 0.06176 0.06906 0.10897 0.01281  0.02914  0.01840  7   AIB B CB1 
307 C CB2 . AIB B 7  ? 0.06989 0.06412 0.08716 0.00928  0.01315  0.00070  7   AIB B CB2 
315 N N   A GLN B 8  ? 0.04110 0.06837 0.10145 0.00723  0.01679  -0.00653 8   GLN B N   
316 N N   B GLN B 8  ? 0.04410 0.06582 0.10338 0.00778  0.01421  -0.00174 8   GLN B N   
317 C CA  A GLN B 8  ? 0.04180 0.07242 0.09487 0.00350  0.02149  -0.00253 8   GLN B CA  
318 C CA  B GLN B 8  ? 0.05162 0.07163 0.10318 0.00171  0.02465  0.00141  8   GLN B CA  
319 C C   A GLN B 8  ? 0.04282 0.06567 0.08875 0.00374  0.02402  -0.00422 8   GLN B C   
320 C C   B GLN B 8  ? 0.05261 0.06488 0.07015 0.00003  0.02997  -0.00786 8   GLN B C   
321 O O   A GLN B 8  ? 0.05126 0.06071 0.10768 0.00018  0.02063  0.00247  8   GLN B O   
322 O O   B GLN B 8  ? 0.06885 0.05875 0.06573 -0.00771 0.03003  -0.01091 8   GLN B O   
323 C CB  A GLN B 8  ? 0.05078 0.08588 0.11686 -0.00099 0.03461  -0.00407 8   GLN B CB  
324 C CB  B GLN B 8  ? 0.07222 0.08797 0.17060 -0.00491 0.04921  -0.00299 8   GLN B CB  
325 C CG  A GLN B 8  ? 0.05968 0.09063 0.17509 -0.00210 0.03635  0.00548  8   GLN B CG  
326 C CG  B GLN B 8  ? 0.09056 0.09634 0.22430 -0.00965 0.05962  0.00140  8   GLN B CG  
327 C CD  A GLN B 8  ? 0.06501 0.09384 0.22572 -0.00405 0.02889  0.01992  8   GLN B CD  
328 C CD  B GLN B 8  ? 0.11489 0.10997 0.27450 -0.01567 0.07790  0.00076  8   GLN B CD  
329 O OE1 A GLN B 8  ? 0.07384 0.09660 0.26498 -0.00332 0.02756  0.02552  8   GLN B OE1 
330 O OE1 B GLN B 8  ? 0.13841 0.12129 0.33148 -0.02219 0.09107  -0.01069 8   GLN B OE1 
331 N NE2 A GLN B 8  ? 0.06430 0.09379 0.21419 -0.00392 0.01744  0.02581  8   GLN B NE2 
332 N NE2 B GLN B 8  ? 0.11943 0.11158 0.26752 -0.01243 0.08019  0.01509  8   GLN B NE2 
349 N N   . AIB B 9  ? 0.03350 0.05913 0.07137 0.00878  0.01561  -0.00323 9   AIB B N   
350 C CA  . AIB B 9  ? 0.04376 0.05678 0.07353 0.00938  0.01393  -0.00998 9   AIB B CA  
351 C C   . AIB B 9  ? 0.03497 0.05126 0.07117 0.00880  0.01571  -0.00358 9   AIB B C   
352 O O   . AIB B 9  ? 0.04716 0.05023 0.07985 0.00935  0.00204  -0.00450 9   AIB B O   
353 C CB1 . AIB B 9  ? 0.05074 0.06089 0.08435 0.01303  0.00266  0.00320  9   AIB B CB1 
354 C CB2 . AIB B 9  ? 0.04343 0.05846 0.07656 0.00558  0.00564  -0.01268 9   AIB B CB2 
362 N N   A LEU B 10 ? 0.02799 0.05420 0.06967 0.00949  0.01046  -0.00130 10  LEU B N   
363 N N   B LEU B 10 ? 0.03795 0.05743 0.07504 0.00253  0.01289  -0.00064 10  LEU B N   
364 C CA  A LEU B 10 ? 0.02234 0.06260 0.06335 0.00901  0.01242  0.00123  10  LEU B CA  
365 C CA  B LEU B 10 ? 0.03741 0.06774 0.08092 -0.00227 0.01467  0.00566  10  LEU B CA  
366 C C   A LEU B 10 ? 0.01910 0.06663 0.06361 0.00899  0.00084  -0.00010 10  LEU B C   
367 C C   B LEU B 10 ? 0.03489 0.06962 0.08261 -0.00145 0.00992  -0.00198 10  LEU B C   
368 O O   A LEU B 10 ? 0.03023 0.06866 0.05974 0.00394  0.00401  -0.02082 10  LEU B O   
369 O O   B LEU B 10 ? 0.03432 0.07428 0.10667 -0.00423 0.01350  -0.01996 10  LEU B O   
370 C CB  A LEU B 10 ? 0.01812 0.06113 0.06451 0.00829  0.00250  -0.00217 10  LEU B CB  
371 C CB  B LEU B 10 ? 0.03948 0.07194 0.09089 -0.00899 0.00016  0.01272  10  LEU B CB  
372 C CG  A LEU B 10 ? 0.02197 0.06721 0.07806 0.00759  0.00097  0.00832  10  LEU B CG  
373 C CG  B LEU B 10 ? 0.04530 0.07604 0.09881 -0.01392 -0.00866 0.03193  10  LEU B CG  
374 C CD1 A LEU B 10 ? 0.03678 0.05872 0.12796 0.00246  0.01866  0.00625  10  LEU B CD1 
375 C CD1 B LEU B 10 ? 0.04213 0.08428 0.12256 -0.01227 -0.01267 0.04528  10  LEU B CD1 
376 C CD2 A LEU B 10 ? 0.03074 0.08433 0.11051 0.00635  0.01256  0.00178  10  LEU B CD2 
377 C CD2 B LEU B 10 ? 0.05045 0.08495 0.09423 -0.02006 -0.00181 0.02177  10  LEU B CD2 
400 C C11 . I77 B 11 ? 0.04128 0.07347 0.08701 -0.01246 0.01116  -0.00115 11  I77 B C11 
401 C C12 . I77 B 11 ? 0.02911 0.08582 0.08059 -0.00690 0.00867  0.00315  11  I77 B C12 
402 C C13 . I77 B 11 ? 0.02665 0.08580 0.06254 -0.00673 0.00648  -0.00493 11  I77 B C13 
403 C C17 . I77 B 11 ? 0.03532 0.07475 0.12707 -0.00546 0.01479  -0.00346 11  I77 B C17 
404 C C18 . I77 B 11 ? 0.03765 0.06659 0.10031 -0.00951 0.02486  -0.00965 11  I77 B C18 
405 C C02 . I77 B 11 ? 0.04762 0.06652 0.06714 -0.01334 -0.00218 0.01168  11  I77 B C02 
406 C C03 . I77 B 11 ? 0.04185 0.07995 0.06946 -0.00981 0.00697  0.00649  11  I77 B C03 
407 C C04 . I77 B 11 ? 0.03991 0.07483 0.08174 -0.00831 0.00964  0.01147  11  I77 B C04 
408 C C05 . I77 B 11 ? 0.03438 0.07885 0.07690 -0.01371 0.00771  0.00096  11  I77 B C05 
409 C C06 . I77 B 11 ? 0.03226 0.08475 0.10190 -0.00739 0.01275  0.00841  11  I77 B C06 
410 C C08 . I77 B 11 ? 0.03154 0.07872 0.07615 -0.01239 0.00667  0.00388  11  I77 B C08 
411 C C09 . I77 B 11 ? 0.03583 0.07576 0.05986 -0.01268 0.01806  -0.00709 11  I77 B C09 
412 N N01 . I77 B 11 ? 0.04050 0.05770 0.06902 -0.01396 0.01249  0.00902  11  I77 B N01 
413 N N07 . I77 B 11 ? 0.03946 0.08780 0.11294 -0.01363 0.02180  0.00354  11  I77 B N07 
414 N N10 . I77 B 11 ? 0.03281 0.08129 0.09747 -0.01488 0.00699  -0.01065 11  I77 B N10 
415 N N14 . I77 B 11 ? 0.03868 0.08291 0.09589 -0.01030 0.01288  -0.00219 11  I77 B N14 
416 N N15 . I77 B 11 ? 0.03074 0.07388 0.08417 -0.00241 0.00707  0.00253  11  I77 B N15 
417 O O16 . I77 B 11 ? 0.03322 0.08323 0.10060 -0.01090 0.01751  0.00373  11  I77 B O16 
418 O O19 . I77 B 11 ? 0.05266 0.07150 0.11032 -0.01245 0.00240  0.01405  11  I77 B O19 
429 O O   . HOH C .  ? 0.03981 0.09418 0.08132 -0.01158 0.01137  -0.00220 101 HOH A O   
430 O O   . HOH C .  ? 0.30186 0.22085 0.32157 0.11815  0.15066  0.11224  102 HOH A O   
431 O O   . HOH C .  ? 0.39767 0.36981 0.37042 -0.01002 0.01141  -0.00258 103 HOH A O   
432 O O   . HOH C .  ? 0.83890 0.32492 0.33507 -0.20072 0.22469  -0.07927 104 HOH A O   
433 O O   . HOH C .  ? 0.14596 0.19520 0.23308 0.01942  0.05915  0.04822  105 HOH A O   
434 O O   . HOH C .  ? 0.09802 0.12554 0.27008 0.01612  -0.01334 -0.00989 106 HOH A O   
435 O O   . HOH C .  ? 0.70547 0.28261 0.52645 0.14522  -0.03422 0.11375  107 HOH A O   
436 O O   . HOH C .  ? 0.74793 0.26371 0.39335 -0.09666 0.05314  0.03470  108 HOH A O   
437 O O   . HOH C .  ? 0.63551 0.27241 0.20033 0.18973  0.08397  0.03912  109 HOH A O   
438 O O   . HOH D .  ? 0.39532 0.40751 0.44070 -0.17672 -0.14402 0.21778  101 HOH B O   
439 O O   . HOH D .  ? 0.05338 0.07163 0.12077 -0.00197 0.03966  -0.00733 102 HOH B O   
# 
